data_6QKB
#
_entry.id   6QKB
#
_cell.length_a   66.598
_cell.length_b   75.247
_cell.length_c   157.310
_cell.angle_alpha   90.000
_cell.angle_beta   90.000
_cell.angle_gamma   90.000
#
_symmetry.space_group_name_H-M   'P 21 21 21'
#
loop_
_entity.id
_entity.type
_entity.pdbx_description
1 polymer 'D-3-hydroxyaspartate aldolase'
2 non-polymer "PYRIDOXAL-5'-PHOSPHATE"
3 non-polymer 'MAGNESIUM ION'
4 water water
#
_entity_poly.entity_id   1
_entity_poly.type   'polypeptide(L)'
_entity_poly.pdbx_seq_one_letter_code
;MNAKTDFSGYEVGYDIPALPGMDESEIQTPCLILDLDALERNIRKMGDYAKAHGMRHRSHGKMHKSVDVQKLQESLGGSV
GVCCQKVSEAEAFARGGIKDVLVTNEVREPAKIDRLARLPKTGATVTVCVDDVQNIADLSAAAQKHGTELGIFVEIDCGA
GRCGVTTKEAVVEIAKAAAAAPNLTFKGIQAYQGAMQHMDSFEDRKAKLDAAIAQVKEAVDALEAEGLAPEFVSGGGTGS
YYFESNSGIYNELQCGSYAFMDADYGRIHDAEGKRIDQGEWENALFILTSVMSHAKPHLAVVDAGLKAQSVDSGLPFVYG
RDDVKYIKCSDEHGVVEDKDGVLKVNDKLRLVPGHCDPTCNVHDWYVGVRNGKVETVWPVSARGKGY
;
_entity_poly.pdbx_strand_id   A,B
#
# COMPACT_ATOMS: atom_id res chain seq x y z
N LYS A 4 -26.54 -0.03 -3.34
CA LYS A 4 -25.82 -1.07 -4.10
C LYS A 4 -24.65 -0.37 -4.84
N THR A 5 -23.69 -1.03 -5.50
CA THR A 5 -22.63 -0.28 -6.21
C THR A 5 -23.11 0.32 -7.54
N ASP A 6 -22.74 1.57 -7.77
CA ASP A 6 -22.99 2.27 -9.02
C ASP A 6 -21.68 2.31 -9.79
N PHE A 7 -21.59 1.52 -10.86
CA PHE A 7 -20.33 1.43 -11.61
C PHE A 7 -20.19 2.53 -12.66
N SER A 8 -21.17 3.42 -12.80
CA SER A 8 -21.13 4.40 -13.88
C SER A 8 -19.94 5.35 -13.75
N GLY A 9 -19.46 5.58 -12.54
CA GLY A 9 -18.32 6.46 -12.37
C GLY A 9 -16.97 5.85 -12.71
N TYR A 10 -16.93 4.57 -13.06
CA TYR A 10 -15.68 3.84 -13.20
C TYR A 10 -15.52 3.30 -14.61
N GLU A 11 -14.29 2.84 -14.91
CA GLU A 11 -13.92 2.46 -16.26
C GLU A 11 -12.93 1.30 -16.20
N VAL A 12 -13.31 0.17 -16.78
CA VAL A 12 -12.47 -1.03 -16.76
C VAL A 12 -11.14 -0.74 -17.42
N GLY A 13 -10.06 -1.19 -16.76
CA GLY A 13 -8.72 -0.94 -17.26
C GLY A 13 -8.16 0.42 -16.89
N TYR A 14 -8.96 1.26 -16.24
CA TYR A 14 -8.51 2.58 -15.80
C TYR A 14 -8.58 2.73 -14.29
N ASP A 15 -9.76 2.51 -13.70
CA ASP A 15 -9.89 2.60 -12.25
C ASP A 15 -10.79 1.50 -11.68
N ILE A 16 -11.06 0.45 -12.44
CA ILE A 16 -11.73 -0.75 -11.93
C ILE A 16 -11.24 -1.91 -12.78
N PRO A 17 -11.05 -3.11 -12.23
CA PRO A 17 -10.49 -4.20 -13.04
C PRO A 17 -11.49 -4.95 -13.91
N ALA A 18 -12.78 -4.86 -13.63
CA ALA A 18 -13.77 -5.68 -14.30
C ALA A 18 -15.15 -5.23 -13.85
N LEU A 19 -16.16 -5.76 -14.52
CA LEU A 19 -17.56 -5.55 -14.20
C LEU A 19 -18.26 -6.90 -14.06
N PRO A 20 -19.30 -6.98 -13.24
CA PRO A 20 -20.06 -8.23 -13.15
C PRO A 20 -20.53 -8.68 -14.53
N GLY A 21 -20.43 -9.98 -14.78
CA GLY A 21 -20.82 -10.56 -16.04
C GLY A 21 -19.67 -10.83 -16.99
N MET A 22 -18.52 -10.21 -16.77
CA MET A 22 -17.37 -10.44 -17.63
C MET A 22 -16.81 -11.84 -17.44
N ASP A 23 -16.11 -12.32 -18.47
CA ASP A 23 -15.34 -13.54 -18.36
C ASP A 23 -14.06 -13.28 -17.59
N GLU A 24 -13.62 -14.30 -16.83
CA GLU A 24 -12.41 -14.11 -16.04
C GLU A 24 -11.22 -13.77 -16.92
N SER A 25 -11.24 -14.18 -18.19
CA SER A 25 -10.13 -13.87 -19.09
C SER A 25 -10.07 -12.38 -19.41
N GLU A 26 -11.18 -11.65 -19.23
CA GLU A 26 -11.23 -10.23 -19.53
C GLU A 26 -10.82 -9.34 -18.37
N ILE A 27 -10.57 -9.92 -17.18
CA ILE A 27 -10.20 -9.09 -16.02
C ILE A 27 -8.87 -8.41 -16.29
N GLN A 28 -8.80 -7.13 -15.92
CA GLN A 28 -7.60 -6.33 -16.10
C GLN A 28 -6.66 -6.48 -14.91
N THR A 29 -5.38 -6.68 -15.20
CA THR A 29 -4.36 -6.91 -14.20
C THR A 29 -3.45 -5.70 -14.03
N PRO A 30 -2.79 -5.55 -12.88
CA PRO A 30 -2.92 -6.40 -11.68
C PRO A 30 -4.14 -6.04 -10.85
N CYS A 31 -4.75 -7.01 -10.20
CA CYS A 31 -5.92 -6.76 -9.38
C CYS A 31 -6.06 -7.88 -8.38
N LEU A 32 -7.07 -7.77 -7.52
CA LEU A 32 -7.39 -8.80 -6.54
C LEU A 32 -8.63 -9.56 -6.99
N ILE A 33 -8.55 -10.88 -6.96
CA ILE A 33 -9.71 -11.73 -7.22
C ILE A 33 -10.02 -12.51 -5.96
N LEU A 34 -11.30 -12.82 -5.78
CA LEU A 34 -11.76 -13.70 -4.72
C LEU A 34 -12.42 -14.91 -5.36
N ASP A 35 -11.90 -16.10 -5.02
CA ASP A 35 -12.57 -17.36 -5.34
C ASP A 35 -13.78 -17.44 -4.42
N LEU A 36 -14.96 -17.16 -4.97
CA LEU A 36 -16.14 -17.01 -4.11
C LEU A 36 -16.52 -18.33 -3.45
N ASP A 37 -16.35 -19.45 -4.17
CA ASP A 37 -16.58 -20.77 -3.56
C ASP A 37 -15.69 -20.97 -2.34
N ALA A 38 -14.38 -20.73 -2.51
CA ALA A 38 -13.46 -20.91 -1.39
C ALA A 38 -13.75 -19.93 -0.27
N LEU A 39 -14.02 -18.68 -0.61
CA LEU A 39 -14.37 -17.68 0.39
C LEU A 39 -15.55 -18.14 1.23
N GLU A 40 -16.59 -18.64 0.57
CA GLU A 40 -17.79 -19.07 1.28
C GLU A 40 -17.52 -20.30 2.13
N ARG A 41 -16.69 -21.23 1.65
CA ARG A 41 -16.36 -22.39 2.48
C ARG A 41 -15.57 -21.97 3.72
N ASN A 42 -14.62 -21.04 3.58
CA ASN A 42 -13.91 -20.55 4.75
C ASN A 42 -14.86 -19.89 5.73
N ILE A 43 -15.78 -19.08 5.22
CA ILE A 43 -16.69 -18.34 6.09
C ILE A 43 -17.61 -19.30 6.84
N ARG A 44 -18.18 -20.29 6.14
CA ARG A 44 -19.02 -21.29 6.80
C ARG A 44 -18.22 -22.06 7.85
N LYS A 45 -16.99 -22.45 7.54
CA LYS A 45 -16.23 -23.30 8.44
C LYS A 45 -15.94 -22.58 9.76
N MET A 46 -15.53 -21.31 9.68
CA MET A 46 -15.27 -20.56 10.91
C MET A 46 -16.56 -20.33 11.69
N GLY A 47 -17.66 -20.00 11.00
CA GLY A 47 -18.92 -19.82 11.68
C GLY A 47 -19.37 -21.09 12.38
N ASP A 48 -19.24 -22.23 11.70
CA ASP A 48 -19.59 -23.51 12.31
C ASP A 48 -18.70 -23.84 13.49
N TYR A 49 -17.39 -23.55 13.38
CA TYR A 49 -16.49 -23.80 14.49
C TYR A 49 -16.90 -22.97 15.71
N ALA A 50 -17.15 -21.69 15.50
CA ALA A 50 -17.57 -20.82 16.61
C ALA A 50 -18.83 -21.35 17.28
N LYS A 51 -19.86 -21.66 16.50
CA LYS A 51 -21.10 -22.16 17.08
C LYS A 51 -20.87 -23.46 17.84
N ALA A 52 -20.09 -24.39 17.28
CA ALA A 52 -19.87 -25.66 17.95
C ALA A 52 -19.23 -25.46 19.32
N HIS A 53 -18.52 -24.36 19.52
CA HIS A 53 -17.86 -24.06 20.79
C HIS A 53 -18.57 -22.97 21.58
N GLY A 54 -19.80 -22.63 21.19
CA GLY A 54 -20.58 -21.62 21.90
C GLY A 54 -19.95 -20.25 21.91
N MET A 55 -19.13 -19.94 20.91
CA MET A 55 -18.44 -18.67 20.83
C MET A 55 -19.16 -17.74 19.87
N ARG A 56 -19.16 -16.45 20.20
CA ARG A 56 -19.46 -15.43 19.22
C ARG A 56 -18.23 -15.23 18.33
N HIS A 57 -18.46 -15.00 17.04
CA HIS A 57 -17.41 -14.56 16.14
C HIS A 57 -17.75 -13.17 15.66
N ARG A 58 -16.90 -12.21 16.00
CA ARG A 58 -16.96 -10.85 15.48
C ARG A 58 -15.88 -10.74 14.40
N SER A 59 -16.29 -10.85 13.14
CA SER A 59 -15.34 -10.89 12.04
C SER A 59 -14.55 -9.59 11.94
N HIS A 60 -13.26 -9.68 11.64
CA HIS A 60 -12.44 -8.49 11.63
C HIS A 60 -12.46 -7.84 10.26
N GLY A 61 -13.08 -6.67 10.18
CA GLY A 61 -13.12 -5.89 8.97
C GLY A 61 -11.85 -5.17 8.62
N LYS A 62 -10.87 -5.14 9.49
CA LYS A 62 -9.61 -4.48 9.14
C LYS A 62 -8.93 -5.28 8.02
N MET A 63 -9.18 -6.58 7.96
CA MET A 63 -8.50 -7.42 6.97
C MET A 63 -8.96 -7.06 5.56
N HIS A 64 -10.27 -7.12 5.31
CA HIS A 64 -10.78 -6.94 3.96
C HIS A 64 -11.35 -5.54 3.71
N LYS A 65 -11.67 -4.80 4.76
CA LYS A 65 -12.17 -3.43 4.65
C LYS A 65 -13.38 -3.33 3.72
N SER A 66 -14.21 -4.38 3.72
CA SER A 66 -15.30 -4.52 2.75
C SER A 66 -16.63 -4.72 3.46
N VAL A 67 -17.58 -3.81 3.20
CA VAL A 67 -18.95 -3.99 3.70
C VAL A 67 -19.56 -5.28 3.14
N ASP A 68 -19.29 -5.57 1.86
CA ASP A 68 -19.91 -6.75 1.26
C ASP A 68 -19.38 -8.04 1.88
N VAL A 69 -18.06 -8.13 2.11
CA VAL A 69 -17.54 -9.35 2.73
C VAL A 69 -18.07 -9.48 4.15
N GLN A 70 -18.16 -8.37 4.90
CA GLN A 70 -18.72 -8.43 6.24
C GLN A 70 -20.16 -8.92 6.22
N LYS A 71 -20.96 -8.41 5.29
CA LYS A 71 -22.34 -8.89 5.18
C LYS A 71 -22.40 -10.39 4.89
N LEU A 72 -21.45 -10.89 4.10
CA LEU A 72 -21.39 -12.32 3.84
C LEU A 72 -20.95 -13.09 5.09
N GLN A 73 -20.01 -12.53 5.86
CA GLN A 73 -19.63 -13.17 7.11
C GLN A 73 -20.82 -13.24 8.07
N GLU A 74 -21.67 -12.20 8.07
CA GLU A 74 -22.84 -12.23 8.94
C GLU A 74 -23.89 -13.21 8.43
N SER A 75 -24.15 -13.21 7.11
CA SER A 75 -25.26 -14.02 6.62
C SER A 75 -24.91 -15.50 6.56
N LEU A 76 -23.68 -15.83 6.16
CA LEU A 76 -23.26 -17.21 6.01
C LEU A 76 -22.46 -17.72 7.18
N GLY A 77 -21.66 -16.87 7.82
CA GLY A 77 -20.84 -17.28 8.94
C GLY A 77 -21.44 -17.00 10.30
N GLY A 78 -22.61 -16.37 10.37
CA GLY A 78 -23.19 -16.03 11.65
C GLY A 78 -22.42 -15.02 12.45
N SER A 79 -21.53 -14.25 11.80
CA SER A 79 -20.79 -13.21 12.49
C SER A 79 -21.73 -12.26 13.22
N VAL A 80 -21.36 -11.90 14.44
CA VAL A 80 -22.23 -11.06 15.28
C VAL A 80 -22.01 -9.58 15.05
N GLY A 81 -21.03 -9.19 14.24
CA GLY A 81 -20.65 -7.82 14.09
C GLY A 81 -19.25 -7.75 13.51
N VAL A 82 -18.75 -6.53 13.40
CA VAL A 82 -17.45 -6.30 12.78
C VAL A 82 -16.50 -5.70 13.81
N CYS A 83 -15.21 -5.99 13.63
CA CYS A 83 -14.14 -5.28 14.31
C CYS A 83 -13.51 -4.31 13.33
N CYS A 84 -13.17 -3.11 13.83
CA CYS A 84 -12.52 -2.07 13.04
C CYS A 84 -11.36 -1.52 13.84
N GLN A 85 -10.28 -1.19 13.14
CA GLN A 85 -9.07 -0.74 13.80
C GLN A 85 -9.00 0.78 13.97
N LYS A 86 -9.80 1.53 13.20
CA LYS A 86 -9.75 2.99 13.20
C LYS A 86 -11.16 3.54 13.08
N VAL A 87 -11.36 4.76 13.56
CA VAL A 87 -12.71 5.32 13.57
C VAL A 87 -13.22 5.54 12.15
N SER A 88 -12.36 5.97 11.21
CA SER A 88 -12.83 6.21 9.85
C SER A 88 -13.21 4.91 9.18
N GLU A 89 -12.48 3.84 9.46
CA GLU A 89 -12.86 2.51 9.00
C GLU A 89 -14.20 2.08 9.61
N ALA A 90 -14.38 2.32 10.92
CA ALA A 90 -15.66 2.03 11.57
C ALA A 90 -16.80 2.82 10.92
N GLU A 91 -16.55 4.09 10.58
CA GLU A 91 -17.57 4.90 9.94
C GLU A 91 -17.97 4.32 8.58
N ALA A 92 -16.99 3.84 7.81
CA ALA A 92 -17.31 3.20 6.54
C ALA A 92 -18.24 2.02 6.73
N PHE A 93 -17.96 1.15 7.71
CA PHE A 93 -18.80 -0.02 7.93
C PHE A 93 -20.19 0.39 8.44
N ALA A 94 -20.26 1.34 9.38
CA ALA A 94 -21.55 1.75 9.91
C ALA A 94 -22.41 2.41 8.84
N ARG A 95 -21.79 3.22 7.98
CA ARG A 95 -22.56 3.85 6.91
C ARG A 95 -23.01 2.82 5.88
N GLY A 96 -22.29 1.71 5.75
CA GLY A 96 -22.69 0.62 4.90
C GLY A 96 -23.78 -0.28 5.46
N GLY A 97 -24.23 -0.01 6.68
CA GLY A 97 -25.33 -0.74 7.27
C GLY A 97 -24.96 -1.82 8.25
N ILE A 98 -23.68 -1.95 8.61
CA ILE A 98 -23.30 -2.96 9.60
C ILE A 98 -23.81 -2.51 10.96
N LYS A 99 -24.49 -3.43 11.66
CA LYS A 99 -25.31 -3.06 12.81
C LYS A 99 -24.56 -3.10 14.13
N ASP A 100 -23.43 -3.80 14.22
CA ASP A 100 -22.69 -3.88 15.47
C ASP A 100 -21.20 -3.72 15.17
N VAL A 101 -20.62 -2.61 15.63
CA VAL A 101 -19.27 -2.21 15.28
C VAL A 101 -18.43 -2.07 16.55
N LEU A 102 -17.37 -2.87 16.66
CA LEU A 102 -16.39 -2.77 17.72
C LEU A 102 -15.12 -2.16 17.14
N VAL A 103 -14.69 -1.04 17.69
CA VAL A 103 -13.38 -0.48 17.38
C VAL A 103 -12.38 -1.15 18.32
N THR A 104 -11.59 -2.08 17.78
CA THR A 104 -10.63 -2.85 18.56
C THR A 104 -9.34 -2.07 18.73
N ASN A 105 -9.47 -0.84 19.19
CA ASN A 105 -8.35 0.09 19.29
C ASN A 105 -8.82 1.26 20.14
N GLU A 106 -7.86 2.06 20.58
CA GLU A 106 -8.13 3.25 21.37
C GLU A 106 -8.25 4.47 20.45
N VAL A 107 -9.12 5.40 20.86
CA VAL A 107 -9.40 6.63 20.10
C VAL A 107 -9.21 7.79 21.07
N ARG A 108 -8.20 8.64 20.81
CA ARG A 108 -7.79 9.67 21.74
C ARG A 108 -7.87 11.09 21.20
N GLU A 109 -7.77 11.28 19.90
CA GLU A 109 -7.72 12.61 19.33
C GLU A 109 -9.12 13.23 19.35
N PRO A 110 -9.26 14.50 19.72
CA PRO A 110 -10.61 15.03 19.99
C PRO A 110 -11.56 14.95 18.82
N ALA A 111 -11.08 15.24 17.60
CA ALA A 111 -11.97 15.17 16.44
C ALA A 111 -12.33 13.73 16.09
N LYS A 112 -11.39 12.80 16.29
CA LYS A 112 -11.71 11.38 16.13
C LYS A 112 -12.77 10.92 17.13
N ILE A 113 -12.63 11.35 18.38
CA ILE A 113 -13.63 11.00 19.39
C ILE A 113 -15.00 11.56 19.02
N ASP A 114 -15.03 12.80 18.55
CA ASP A 114 -16.31 13.38 18.15
C ASP A 114 -16.95 12.58 17.02
N ARG A 115 -16.15 12.18 16.03
CA ARG A 115 -16.66 11.34 14.96
C ARG A 115 -17.15 10.00 15.50
N LEU A 116 -16.39 9.40 16.41
CA LEU A 116 -16.80 8.14 17.01
C LEU A 116 -18.16 8.27 17.69
N ALA A 117 -18.34 9.36 18.44
CA ALA A 117 -19.56 9.55 19.23
C ALA A 117 -20.80 9.72 18.35
N ARG A 118 -20.63 10.07 17.09
CA ARG A 118 -21.77 10.21 16.17
C ARG A 118 -22.12 8.91 15.48
N LEU A 119 -21.24 7.92 15.49
CA LEU A 119 -21.49 6.72 14.69
C LEU A 119 -22.78 5.99 15.08
N PRO A 120 -23.20 5.94 16.35
CA PRO A 120 -24.46 5.24 16.66
C PRO A 120 -25.66 5.82 15.93
N LYS A 121 -25.59 7.07 15.45
CA LYS A 121 -26.71 7.64 14.71
C LYS A 121 -26.96 6.93 13.38
N THR A 122 -25.98 6.17 12.87
CA THR A 122 -26.21 5.32 11.70
C THR A 122 -27.17 4.18 11.97
N GLY A 123 -27.47 3.89 13.23
CA GLY A 123 -28.15 2.67 13.62
C GLY A 123 -27.22 1.63 14.20
N ALA A 124 -25.91 1.82 14.06
CA ALA A 124 -24.94 0.86 14.58
C ALA A 124 -24.85 0.96 16.10
N THR A 125 -24.73 -0.21 16.74
CA THR A 125 -24.22 -0.26 18.11
C THR A 125 -22.71 -0.16 18.04
N VAL A 126 -22.12 0.70 18.87
CA VAL A 126 -20.70 1.02 18.78
C VAL A 126 -20.02 0.81 20.12
N THR A 127 -18.92 0.06 20.09
CA THR A 127 -18.07 -0.20 21.24
C THR A 127 -16.65 0.22 20.86
N VAL A 128 -15.90 0.71 21.85
CA VAL A 128 -14.52 1.14 21.64
C VAL A 128 -13.67 0.65 22.80
N CYS A 129 -12.37 0.53 22.57
CA CYS A 129 -11.43 0.04 23.56
C CYS A 129 -10.71 1.19 24.24
N VAL A 130 -10.32 0.95 25.50
CA VAL A 130 -9.69 1.96 26.35
C VAL A 130 -8.55 1.30 27.13
N ASP A 131 -7.36 1.93 27.12
CA ASP A 131 -6.25 1.47 27.94
C ASP A 131 -5.69 2.59 28.83
N ASP A 132 -6.41 3.69 28.96
CA ASP A 132 -5.98 4.84 29.75
C ASP A 132 -7.23 5.42 30.39
N VAL A 133 -7.27 5.48 31.72
CA VAL A 133 -8.49 5.90 32.39
C VAL A 133 -8.87 7.34 32.02
N GLN A 134 -7.88 8.16 31.64
CA GLN A 134 -8.18 9.55 31.29
C GLN A 134 -8.97 9.65 29.99
N ASN A 135 -8.96 8.61 29.19
CA ASN A 135 -9.74 8.57 27.94
C ASN A 135 -11.24 8.58 28.22
N ILE A 136 -11.65 8.06 29.37
CA ILE A 136 -13.08 7.88 29.67
C ILE A 136 -13.80 9.22 29.63
N ALA A 137 -13.25 10.24 30.32
CA ALA A 137 -13.93 11.53 30.38
C ALA A 137 -14.15 12.13 29.00
N ASP A 138 -13.17 12.00 28.10
CA ASP A 138 -13.30 12.54 26.74
C ASP A 138 -14.38 11.81 25.95
N LEU A 139 -14.43 10.49 26.08
CA LEU A 139 -15.44 9.70 25.39
C LEU A 139 -16.83 10.04 25.91
N SER A 140 -16.97 10.08 27.23
CA SER A 140 -18.26 10.40 27.84
C SER A 140 -18.74 11.77 27.41
N ALA A 141 -17.84 12.76 27.41
CA ALA A 141 -18.24 14.12 27.07
C ALA A 141 -18.80 14.19 25.65
N ALA A 142 -18.14 13.52 24.71
CA ALA A 142 -18.59 13.54 23.33
C ALA A 142 -19.92 12.81 23.18
N ALA A 143 -20.07 11.66 23.84
CA ALA A 143 -21.32 10.93 23.77
C ALA A 143 -22.47 11.72 24.39
N GLN A 144 -22.22 12.34 25.54
CA GLN A 144 -23.22 13.23 26.16
C GLN A 144 -23.59 14.36 25.21
N LYS A 145 -22.59 15.02 24.64
CA LYS A 145 -22.82 16.15 23.76
C LYS A 145 -23.75 15.78 22.61
N HIS A 146 -23.61 14.57 22.07
CA HIS A 146 -24.36 14.19 20.88
C HIS A 146 -25.51 13.23 21.18
N GLY A 147 -25.80 13.00 22.45
CA GLY A 147 -26.95 12.18 22.82
C GLY A 147 -26.85 10.75 22.36
N THR A 148 -25.65 10.17 22.41
CA THR A 148 -25.42 8.80 22.00
C THR A 148 -24.88 8.00 23.17
N GLU A 149 -24.84 6.69 22.97
CA GLU A 149 -24.26 5.75 23.92
C GLU A 149 -23.09 5.04 23.26
N LEU A 150 -22.01 4.86 24.01
CA LEU A 150 -20.87 4.07 23.56
C LEU A 150 -20.58 2.98 24.57
N GLY A 151 -20.29 1.78 24.06
CA GLY A 151 -19.80 0.71 24.89
C GLY A 151 -18.29 0.77 25.03
N ILE A 152 -17.79 0.24 26.14
CA ILE A 152 -16.36 0.30 26.47
C ILE A 152 -15.84 -1.10 26.76
N PHE A 153 -14.80 -1.50 26.03
CA PHE A 153 -13.95 -2.61 26.41
C PHE A 153 -12.68 -2.05 27.03
N VAL A 154 -12.22 -2.64 28.13
CA VAL A 154 -10.89 -2.35 28.63
C VAL A 154 -9.90 -3.28 27.93
N GLU A 155 -8.85 -2.72 27.35
CA GLU A 155 -7.88 -3.54 26.62
C GLU A 155 -6.77 -3.97 27.56
N ILE A 156 -6.49 -5.26 27.56
CA ILE A 156 -5.38 -5.85 28.30
C ILE A 156 -4.27 -6.15 27.31
N ASP A 157 -3.04 -5.73 27.62
CA ASP A 157 -1.87 -6.24 26.92
C ASP A 157 -1.61 -7.62 27.53
N CYS A 158 -2.07 -8.65 26.83
CA CYS A 158 -1.96 -10.02 27.32
C CYS A 158 -0.78 -10.76 26.71
N GLY A 159 0.20 -10.03 26.18
CA GLY A 159 1.45 -10.60 25.72
C GLY A 159 1.95 -10.06 24.41
N ALA A 160 1.10 -9.36 23.67
CA ALA A 160 1.50 -8.82 22.38
C ALA A 160 2.38 -7.59 22.50
N GLY A 161 2.34 -6.89 23.63
CA GLY A 161 3.18 -5.71 23.78
C GLY A 161 2.82 -4.58 22.84
N ARG A 162 1.54 -4.40 22.56
CA ARG A 162 1.06 -3.26 21.79
C ARG A 162 0.31 -2.33 22.74
N CYS A 163 -0.99 -2.11 22.53
CA CYS A 163 -1.76 -1.30 23.46
C CYS A 163 -2.28 -2.16 24.60
N GLY A 164 -2.91 -1.52 25.59
CA GLY A 164 -3.53 -2.24 26.69
C GLY A 164 -2.76 -2.08 27.98
N VAL A 165 -3.42 -2.48 29.07
CA VAL A 165 -2.85 -2.42 30.41
C VAL A 165 -2.40 -3.82 30.82
N THR A 166 -1.56 -3.89 31.85
CA THR A 166 -0.94 -5.16 32.25
C THR A 166 -1.19 -5.55 33.70
N THR A 167 -2.07 -4.87 34.41
CA THR A 167 -2.43 -5.28 35.76
C THR A 167 -3.95 -5.35 35.89
N LYS A 168 -4.41 -6.24 36.78
CA LYS A 168 -5.84 -6.31 37.05
C LYS A 168 -6.35 -5.03 37.71
N GLU A 169 -5.50 -4.37 38.51
CA GLU A 169 -5.92 -3.12 39.14
C GLU A 169 -6.19 -2.05 38.08
N ALA A 170 -5.34 -1.97 37.06
CA ALA A 170 -5.56 -1.01 35.99
C ALA A 170 -6.85 -1.31 35.24
N VAL A 171 -7.16 -2.60 35.03
CA VAL A 171 -8.42 -2.99 34.40
C VAL A 171 -9.59 -2.48 35.22
N VAL A 172 -9.56 -2.74 36.53
CA VAL A 172 -10.71 -2.39 37.37
C VAL A 172 -10.90 -0.88 37.39
N GLU A 173 -9.81 -0.12 37.43
CA GLU A 173 -9.90 1.34 37.44
C GLU A 173 -10.62 1.85 36.21
N ILE A 174 -10.25 1.34 35.03
CA ILE A 174 -10.88 1.80 33.81
C ILE A 174 -12.34 1.38 33.77
N ALA A 175 -12.63 0.13 34.15
CA ALA A 175 -14.01 -0.35 34.12
C ALA A 175 -14.90 0.45 35.05
N LYS A 176 -14.41 0.75 36.26
CA LYS A 176 -15.19 1.54 37.19
C LYS A 176 -15.48 2.92 36.61
N ALA A 177 -14.49 3.54 35.97
CA ALA A 177 -14.71 4.86 35.40
C ALA A 177 -15.72 4.80 34.26
N ALA A 178 -15.66 3.78 33.43
CA ALA A 178 -16.66 3.62 32.37
C ALA A 178 -18.06 3.45 32.96
N ALA A 179 -18.18 2.64 34.02
CA ALA A 179 -19.48 2.41 34.63
C ALA A 179 -20.05 3.70 35.21
N ALA A 180 -19.19 4.55 35.77
CA ALA A 180 -19.64 5.78 36.42
C ALA A 180 -19.92 6.89 35.43
N ALA A 181 -19.36 6.82 34.22
CA ALA A 181 -19.39 7.93 33.29
C ALA A 181 -20.73 7.98 32.55
N PRO A 182 -21.33 9.16 32.40
CA PRO A 182 -22.58 9.25 31.63
C PRO A 182 -22.37 8.81 30.19
N ASN A 183 -23.38 8.10 29.66
CA ASN A 183 -23.48 7.72 28.26
C ASN A 183 -22.46 6.68 27.84
N LEU A 184 -21.70 6.12 28.78
CA LEU A 184 -20.84 4.96 28.55
C LEU A 184 -21.37 3.77 29.32
N THR A 185 -21.07 2.57 28.79
CA THR A 185 -21.41 1.32 29.45
C THR A 185 -20.22 0.39 29.38
N PHE A 186 -19.81 -0.14 30.53
CA PHE A 186 -18.71 -1.09 30.53
C PHE A 186 -19.19 -2.42 29.99
N LYS A 187 -18.58 -2.87 28.88
CA LYS A 187 -19.05 -4.03 28.16
C LYS A 187 -18.13 -5.24 28.24
N GLY A 188 -16.87 -5.07 28.63
CA GLY A 188 -16.03 -6.25 28.76
C GLY A 188 -14.56 -5.94 28.48
N ILE A 189 -13.87 -6.99 28.02
CA ILE A 189 -12.41 -7.00 27.91
C ILE A 189 -12.01 -7.23 26.47
N GLN A 190 -11.05 -6.44 26.01
CA GLN A 190 -10.33 -6.68 24.77
C GLN A 190 -8.98 -7.28 25.13
N ALA A 191 -8.69 -8.48 24.64
CA ALA A 191 -7.43 -9.14 24.98
C ALA A 191 -6.99 -9.96 23.78
N TYR A 192 -6.27 -9.30 22.87
CA TYR A 192 -5.86 -9.89 21.60
C TYR A 192 -4.35 -10.13 21.62
N GLN A 193 -3.94 -11.40 21.61
CA GLN A 193 -2.52 -11.74 21.60
C GLN A 193 -2.09 -11.89 20.15
N GLY A 194 -1.84 -10.73 19.51
CA GLY A 194 -1.50 -10.74 18.10
C GLY A 194 -0.10 -11.20 17.80
N ALA A 195 0.81 -11.09 18.77
CA ALA A 195 2.21 -11.40 18.53
C ALA A 195 2.45 -12.89 18.33
N MET A 196 1.64 -13.75 18.95
CA MET A 196 1.85 -15.18 18.86
C MET A 196 1.17 -15.82 17.66
N GLN A 197 0.41 -15.06 16.86
CA GLN A 197 -0.50 -15.69 15.90
C GLN A 197 0.24 -16.40 14.77
N HIS A 198 1.47 -15.97 14.45
CA HIS A 198 2.23 -16.54 13.35
C HIS A 198 3.42 -17.37 13.80
N MET A 199 3.46 -17.83 15.05
CA MET A 199 4.48 -18.79 15.44
C MET A 199 4.21 -20.12 14.72
N ASP A 200 5.28 -20.72 14.17
CA ASP A 200 5.11 -21.93 13.38
C ASP A 200 4.47 -23.05 14.18
N SER A 201 4.89 -23.23 15.42
CA SER A 201 4.54 -24.41 16.20
C SER A 201 3.22 -24.21 16.92
N PHE A 202 2.28 -25.12 16.67
CA PHE A 202 1.01 -25.11 17.39
C PHE A 202 1.25 -25.14 18.90
N GLU A 203 2.25 -25.91 19.34
CA GLU A 203 2.51 -26.01 20.77
C GLU A 203 3.01 -24.68 21.34
N ASP A 204 3.88 -23.99 20.60
CA ASP A 204 4.31 -22.67 21.03
C ASP A 204 3.13 -21.71 21.11
N ARG A 205 2.24 -21.76 20.12
CA ARG A 205 1.06 -20.90 20.15
C ARG A 205 0.16 -21.23 21.34
N LYS A 206 -0.05 -22.52 21.62
CA LYS A 206 -0.85 -22.92 22.78
C LYS A 206 -0.28 -22.34 24.06
N ALA A 207 1.04 -22.40 24.23
CA ALA A 207 1.65 -21.93 25.48
C ALA A 207 1.49 -20.43 25.64
N LYS A 208 1.65 -19.67 24.56
CA LYS A 208 1.44 -18.23 24.64
C LYS A 208 0.02 -17.89 25.04
N LEU A 209 -0.97 -18.63 24.49
CA LEU A 209 -2.35 -18.33 24.83
C LEU A 209 -2.69 -18.81 26.24
N ASP A 210 -2.04 -19.88 26.73
CA ASP A 210 -2.21 -20.23 28.14
C ASP A 210 -1.88 -19.03 29.02
N ALA A 211 -0.77 -18.36 28.74
CA ALA A 211 -0.36 -17.22 29.55
C ALA A 211 -1.36 -16.09 29.44
N ALA A 212 -1.84 -15.82 28.23
CA ALA A 212 -2.82 -14.75 28.05
C ALA A 212 -4.13 -15.09 28.76
N ILE A 213 -4.59 -16.33 28.64
CA ILE A 213 -5.82 -16.73 29.31
C ILE A 213 -5.71 -16.55 30.81
N ALA A 214 -4.57 -16.94 31.39
CA ALA A 214 -4.39 -16.80 32.84
C ALA A 214 -4.47 -15.33 33.26
N GLN A 215 -3.82 -14.44 32.50
CA GLN A 215 -3.87 -13.02 32.81
C GLN A 215 -5.29 -12.49 32.69
N VAL A 216 -6.01 -12.89 31.64
CA VAL A 216 -7.37 -12.41 31.45
C VAL A 216 -8.28 -12.91 32.56
N LYS A 217 -8.10 -14.17 32.98
CA LYS A 217 -8.93 -14.71 34.06
C LYS A 217 -8.74 -13.92 35.35
N GLU A 218 -7.50 -13.56 35.68
CA GLU A 218 -7.26 -12.74 36.86
C GLU A 218 -8.00 -11.41 36.76
N ALA A 219 -8.03 -10.81 35.58
CA ALA A 219 -8.76 -9.56 35.41
C ALA A 219 -10.26 -9.77 35.56
N VAL A 220 -10.78 -10.85 34.96
CA VAL A 220 -12.20 -11.17 35.10
C VAL A 220 -12.55 -11.35 36.58
N ASP A 221 -11.72 -12.08 37.32
CA ASP A 221 -11.99 -12.29 38.74
C ASP A 221 -12.01 -10.96 39.48
N ALA A 222 -11.06 -10.09 39.19
CA ALA A 222 -11.00 -8.79 39.85
C ALA A 222 -12.23 -7.95 39.53
N LEU A 223 -12.67 -7.98 38.27
CA LEU A 223 -13.87 -7.25 37.89
C LEU A 223 -15.10 -7.80 38.60
N GLU A 224 -15.25 -9.14 38.61
CA GLU A 224 -16.42 -9.74 39.25
C GLU A 224 -16.50 -9.36 40.71
N ALA A 225 -15.35 -9.34 41.41
CA ALA A 225 -15.35 -8.99 42.82
C ALA A 225 -15.82 -7.56 43.06
N GLU A 226 -15.73 -6.69 42.05
CA GLU A 226 -16.17 -5.30 42.14
C GLU A 226 -17.58 -5.10 41.61
N GLY A 227 -18.28 -6.16 41.24
CA GLY A 227 -19.60 -6.00 40.65
C GLY A 227 -19.58 -5.50 39.22
N LEU A 228 -18.51 -5.78 38.49
CA LEU A 228 -18.34 -5.34 37.11
C LEU A 228 -17.99 -6.51 36.22
N ALA A 229 -18.74 -7.60 36.35
CA ALA A 229 -18.49 -8.78 35.53
C ALA A 229 -18.52 -8.39 34.05
N PRO A 230 -17.52 -8.80 33.26
CA PRO A 230 -17.51 -8.40 31.84
C PRO A 230 -18.47 -9.24 31.02
N GLU A 231 -19.37 -8.55 30.30
CA GLU A 231 -20.32 -9.28 29.46
C GLU A 231 -19.60 -10.02 28.36
N PHE A 232 -18.58 -9.38 27.77
CA PHE A 232 -17.80 -9.97 26.69
C PHE A 232 -16.33 -10.00 27.06
N VAL A 233 -15.66 -11.07 26.66
CA VAL A 233 -14.21 -11.23 26.78
C VAL A 233 -13.78 -11.64 25.38
N SER A 234 -13.16 -10.72 24.65
CA SER A 234 -13.06 -10.80 23.20
C SER A 234 -11.61 -10.76 22.76
N GLY A 235 -11.27 -11.62 21.81
CA GLY A 235 -9.93 -11.66 21.27
C GLY A 235 -9.81 -12.79 20.28
N GLY A 236 -8.59 -13.28 20.08
CA GLY A 236 -8.41 -14.42 19.21
C GLY A 236 -8.24 -14.08 17.75
N GLY A 237 -7.36 -14.82 17.08
CA GLY A 237 -7.14 -14.66 15.67
C GLY A 237 -7.02 -16.00 14.96
N THR A 238 -6.66 -15.94 13.68
CA THR A 238 -6.65 -17.13 12.85
C THR A 238 -5.61 -18.14 13.30
N GLY A 239 -4.58 -17.70 14.01
CA GLY A 239 -3.58 -18.61 14.55
C GLY A 239 -3.82 -19.08 15.97
N SER A 240 -4.90 -18.65 16.62
CA SER A 240 -5.09 -18.96 18.03
C SER A 240 -6.50 -19.40 18.40
N TYR A 241 -7.48 -19.30 17.50
CA TYR A 241 -8.90 -19.27 17.89
C TYR A 241 -9.32 -20.52 18.65
N TYR A 242 -8.69 -21.67 18.37
CA TYR A 242 -9.00 -22.90 19.09
C TYR A 242 -8.66 -22.79 20.58
N PHE A 243 -7.75 -21.89 20.94
CA PHE A 243 -7.38 -21.73 22.35
C PHE A 243 -8.39 -20.84 23.08
N GLU A 244 -8.71 -19.68 22.51
CA GLU A 244 -9.76 -18.86 23.10
C GLU A 244 -11.07 -19.62 23.20
N SER A 245 -11.39 -20.42 22.18
CA SER A 245 -12.65 -21.14 22.11
C SER A 245 -12.74 -22.25 23.14
N ASN A 246 -11.62 -22.71 23.68
CA ASN A 246 -11.61 -23.76 24.69
C ASN A 246 -11.06 -23.27 26.02
N SER A 247 -11.08 -21.95 26.23
CA SER A 247 -10.48 -21.35 27.43
C SER A 247 -11.44 -21.31 28.60
N GLY A 248 -12.75 -21.33 28.36
CA GLY A 248 -13.72 -21.07 29.40
C GLY A 248 -13.74 -19.65 29.90
N ILE A 249 -13.04 -18.73 29.21
CA ILE A 249 -12.92 -17.35 29.67
C ILE A 249 -13.34 -16.40 28.56
N TYR A 250 -12.72 -16.53 27.38
CA TYR A 250 -13.16 -15.79 26.21
C TYR A 250 -14.53 -16.28 25.76
N ASN A 251 -15.39 -15.36 25.34
CA ASN A 251 -16.65 -15.75 24.71
C ASN A 251 -16.86 -15.11 23.33
N GLU A 252 -15.86 -14.42 22.80
CA GLU A 252 -15.97 -13.81 21.48
C GLU A 252 -14.63 -13.90 20.75
N LEU A 253 -14.68 -14.32 19.49
CA LEU A 253 -13.50 -14.41 18.62
C LEU A 253 -13.47 -13.22 17.67
N GLN A 254 -12.26 -12.86 17.24
CA GLN A 254 -12.08 -11.70 16.36
C GLN A 254 -11.32 -12.08 15.09
N CYS A 255 -11.44 -13.33 14.64
CA CYS A 255 -10.65 -13.81 13.52
C CYS A 255 -10.91 -13.00 12.26
N GLY A 256 -9.84 -12.71 11.52
CA GLY A 256 -9.94 -11.95 10.29
C GLY A 256 -9.39 -12.66 9.06
N SER A 257 -8.14 -13.14 9.13
CA SER A 257 -7.43 -13.56 7.91
C SER A 257 -7.95 -14.87 7.34
N TYR A 258 -8.53 -15.73 8.19
CA TYR A 258 -9.00 -17.05 7.77
C TYR A 258 -9.83 -16.99 6.49
N ALA A 259 -10.58 -15.90 6.27
CA ALA A 259 -11.52 -15.85 5.15
C ALA A 259 -10.79 -15.80 3.81
N PHE A 260 -9.66 -15.09 3.75
CA PHE A 260 -8.91 -14.88 2.52
C PHE A 260 -7.64 -15.72 2.47
N MET A 261 -6.89 -15.72 3.57
CA MET A 261 -5.59 -16.37 3.72
C MET A 261 -4.50 -15.69 2.90
N ASP A 262 -3.26 -16.01 3.24
CA ASP A 262 -2.08 -15.45 2.62
C ASP A 262 -0.92 -16.39 2.91
N ALA A 263 0.27 -16.05 2.40
CA ALA A 263 1.40 -16.95 2.50
C ALA A 263 1.96 -17.02 3.92
N ASP A 264 2.00 -15.88 4.61
CA ASP A 264 2.64 -15.85 5.92
C ASP A 264 1.81 -16.58 6.97
N TYR A 265 0.48 -16.48 6.88
CA TYR A 265 -0.36 -17.31 7.74
C TYR A 265 -0.36 -18.75 7.25
N GLY A 266 -0.40 -18.96 5.93
CA GLY A 266 -0.56 -20.30 5.41
C GLY A 266 0.53 -21.26 5.84
N ARG A 267 1.74 -20.74 6.09
CA ARG A 267 2.87 -21.59 6.39
C ARG A 267 2.92 -22.09 7.84
N ILE A 268 2.16 -21.49 8.78
CA ILE A 268 2.23 -22.00 10.15
C ILE A 268 1.58 -23.37 10.21
N HIS A 269 1.98 -24.13 11.24
CA HIS A 269 1.60 -25.53 11.33
C HIS A 269 0.47 -25.75 12.35
N ASP A 270 -0.39 -26.72 12.03
CA ASP A 270 -1.45 -27.13 12.94
C ASP A 270 -0.94 -28.24 13.86
N ALA A 271 -1.84 -28.77 14.69
CA ALA A 271 -1.44 -29.74 15.70
C ALA A 271 -1.06 -31.08 15.09
N GLU A 272 -1.30 -31.27 13.80
CA GLU A 272 -0.86 -32.45 13.07
C GLU A 272 0.42 -32.19 12.26
N GLY A 273 1.03 -31.03 12.42
CA GLY A 273 2.25 -30.72 11.69
C GLY A 273 2.04 -30.30 10.25
N LYS A 274 0.82 -29.93 9.87
CA LYS A 274 0.53 -29.52 8.51
C LYS A 274 0.39 -28.00 8.43
N ARG A 275 0.82 -27.44 7.30
CA ARG A 275 0.51 -26.05 6.97
C ARG A 275 -1.00 -25.83 7.05
N ILE A 276 -1.42 -24.71 7.63
CA ILE A 276 -2.85 -24.48 7.76
C ILE A 276 -3.49 -24.17 6.42
N ASP A 277 -2.72 -23.84 5.38
CA ASP A 277 -3.30 -23.70 4.04
C ASP A 277 -3.34 -25.01 3.28
N GLN A 278 -3.01 -26.13 3.93
CA GLN A 278 -3.09 -27.46 3.37
C GLN A 278 -4.09 -28.32 4.13
N GLY A 279 -5.25 -27.76 4.43
CA GLY A 279 -6.29 -28.51 5.11
C GLY A 279 -7.22 -27.64 5.96
N GLU A 280 -6.66 -26.68 6.70
CA GLU A 280 -7.50 -25.95 7.64
C GLU A 280 -8.28 -24.84 6.94
N TRP A 281 -7.60 -24.01 6.15
CA TRP A 281 -8.21 -22.89 5.45
C TRP A 281 -7.76 -22.88 4.01
N GLU A 282 -8.65 -22.45 3.11
CA GLU A 282 -8.34 -22.38 1.69
C GLU A 282 -7.88 -20.99 1.31
N ASN A 283 -7.02 -20.93 0.30
CA ASN A 283 -6.71 -19.66 -0.34
C ASN A 283 -7.93 -19.18 -1.11
N ALA A 284 -8.45 -18.01 -0.75
CA ALA A 284 -9.54 -17.38 -1.51
C ALA A 284 -9.14 -16.06 -2.14
N LEU A 285 -8.09 -15.41 -1.65
CA LEU A 285 -7.61 -14.14 -2.21
C LEU A 285 -6.41 -14.37 -3.09
N PHE A 286 -6.45 -13.84 -4.31
CA PHE A 286 -5.33 -13.91 -5.23
C PHE A 286 -5.08 -12.56 -5.89
N ILE A 287 -3.81 -12.29 -6.16
CA ILE A 287 -3.43 -11.20 -7.07
C ILE A 287 -3.39 -11.80 -8.46
N LEU A 288 -4.21 -11.28 -9.38
CA LEU A 288 -4.16 -11.69 -10.77
C LEU A 288 -3.14 -10.83 -11.50
N THR A 289 -2.22 -11.46 -12.23
CA THR A 289 -1.13 -10.73 -12.88
C THR A 289 -0.86 -11.28 -14.27
N SER A 290 -0.43 -10.40 -15.18
CA SER A 290 -0.10 -10.76 -16.55
C SER A 290 1.41 -10.69 -16.80
N VAL A 291 1.92 -11.65 -17.56
CA VAL A 291 3.28 -11.56 -18.08
C VAL A 291 3.34 -10.44 -19.11
N MET A 292 4.23 -9.46 -18.89
CA MET A 292 4.37 -8.35 -19.81
C MET A 292 5.78 -8.23 -20.38
N SER A 293 6.69 -9.15 -20.04
CA SER A 293 7.97 -9.23 -20.74
C SER A 293 8.56 -10.61 -20.52
N HIS A 294 9.24 -11.12 -21.55
CA HIS A 294 9.92 -12.40 -21.43
C HIS A 294 11.20 -12.36 -22.27
N ALA A 295 11.92 -11.24 -22.22
CA ALA A 295 13.09 -11.06 -23.06
C ALA A 295 14.20 -12.04 -22.72
N LYS A 296 14.27 -12.48 -21.47
CA LYS A 296 15.26 -13.51 -21.10
C LYS A 296 14.64 -14.90 -21.19
N PRO A 297 15.40 -15.91 -21.62
CA PRO A 297 14.78 -17.24 -21.84
C PRO A 297 14.09 -17.86 -20.64
N HIS A 298 14.64 -17.72 -19.42
CA HIS A 298 14.10 -18.42 -18.27
C HIS A 298 13.59 -17.46 -17.18
N LEU A 299 13.19 -16.25 -17.58
CA LEU A 299 12.57 -15.31 -16.66
C LEU A 299 11.37 -14.68 -17.32
N ALA A 300 10.28 -14.56 -16.58
CA ALA A 300 9.12 -13.81 -17.00
C ALA A 300 8.94 -12.64 -16.05
N VAL A 301 8.56 -11.49 -16.59
CA VAL A 301 8.26 -10.32 -15.79
C VAL A 301 6.76 -10.08 -15.83
N VAL A 302 6.14 -10.02 -14.65
CA VAL A 302 4.69 -9.84 -14.52
C VAL A 302 4.40 -8.42 -14.04
N ASP A 303 3.13 -8.02 -14.19
CA ASP A 303 2.77 -6.63 -13.96
C ASP A 303 2.36 -6.35 -12.51
N ALA A 304 2.47 -7.35 -11.62
CA ALA A 304 2.18 -7.16 -10.20
C ALA A 304 3.48 -7.10 -9.43
N GLY A 305 3.85 -5.88 -9.01
CA GLY A 305 5.00 -5.70 -8.16
C GLY A 305 4.59 -5.24 -6.77
N LEU A 306 5.45 -4.45 -6.13
CA LEU A 306 5.22 -4.07 -4.74
C LEU A 306 3.97 -3.22 -4.58
N LYS A 307 3.71 -2.32 -5.54
CA LYS A 307 2.59 -1.40 -5.39
C LYS A 307 1.24 -2.12 -5.49
N ALA A 308 1.22 -3.34 -6.01
CA ALA A 308 0.00 -4.12 -6.09
C ALA A 308 -0.20 -4.99 -4.85
N GLN A 309 0.69 -4.91 -3.87
CA GLN A 309 0.62 -5.80 -2.71
C GLN A 309 1.47 -5.24 -1.57
N SER A 310 2.13 -6.12 -0.81
CA SER A 310 3.10 -5.70 0.19
C SER A 310 4.18 -6.77 0.22
N VAL A 311 5.30 -6.48 0.87
CA VAL A 311 6.32 -7.51 1.08
C VAL A 311 6.74 -7.52 2.54
N ASP A 312 5.92 -6.92 3.41
CA ASP A 312 6.27 -6.86 4.81
C ASP A 312 6.41 -8.25 5.42
N SER A 313 5.66 -9.22 4.90
CA SER A 313 5.72 -10.59 5.39
C SER A 313 6.25 -11.54 4.31
N GLY A 314 7.11 -11.04 3.43
CA GLY A 314 7.74 -11.85 2.41
C GLY A 314 7.03 -11.78 1.07
N LEU A 315 7.58 -12.53 0.12
CA LEU A 315 7.09 -12.53 -1.25
C LEU A 315 5.75 -13.28 -1.36
N PRO A 316 4.96 -12.96 -2.39
CA PRO A 316 3.85 -13.85 -2.74
C PRO A 316 4.39 -15.11 -3.37
N PHE A 317 3.51 -16.06 -3.64
CA PHE A 317 3.89 -17.24 -4.41
C PHE A 317 2.84 -17.53 -5.47
N VAL A 318 3.28 -18.17 -6.55
CA VAL A 318 2.38 -18.56 -7.63
C VAL A 318 1.52 -19.73 -7.19
N TYR A 319 0.21 -19.58 -7.35
CA TYR A 319 -0.74 -20.58 -6.91
C TYR A 319 -1.07 -21.54 -8.05
N GLY A 320 -1.26 -22.81 -7.71
CA GLY A 320 -1.85 -23.75 -8.64
C GLY A 320 -0.89 -24.37 -9.63
N ARG A 321 0.41 -24.08 -9.53
CA ARG A 321 1.37 -24.71 -10.42
C ARG A 321 2.74 -24.69 -9.74
N ASP A 322 3.59 -25.59 -10.18
CA ASP A 322 4.86 -25.87 -9.52
C ASP A 322 6.06 -25.57 -10.39
N ASP A 323 5.85 -25.11 -11.62
CA ASP A 323 6.92 -24.99 -12.61
C ASP A 323 7.52 -23.60 -12.68
N VAL A 324 6.98 -22.63 -11.94
CA VAL A 324 7.45 -21.24 -11.97
C VAL A 324 7.45 -20.70 -10.55
N LYS A 325 8.24 -19.65 -10.33
CA LYS A 325 8.43 -19.12 -8.98
C LYS A 325 8.63 -17.61 -8.99
N TYR A 326 7.79 -16.91 -8.22
CA TYR A 326 7.95 -15.47 -8.02
C TYR A 326 9.13 -15.23 -7.08
N ILE A 327 10.19 -14.59 -7.59
CA ILE A 327 11.43 -14.48 -6.83
C ILE A 327 11.83 -13.06 -6.48
N LYS A 328 11.25 -12.04 -7.11
CA LYS A 328 11.74 -10.68 -6.94
C LYS A 328 10.64 -9.72 -7.34
N CYS A 329 10.54 -8.59 -6.65
CA CYS A 329 9.65 -7.57 -7.16
C CYS A 329 10.19 -6.17 -6.92
N SER A 330 9.94 -5.31 -7.90
CA SER A 330 10.13 -3.89 -7.80
C SER A 330 8.74 -3.26 -7.80
N ASP A 331 8.69 -1.94 -7.96
CA ASP A 331 7.44 -1.23 -7.69
C ASP A 331 6.31 -1.67 -8.61
N GLU A 332 6.61 -1.89 -9.90
CA GLU A 332 5.57 -2.20 -10.88
C GLU A 332 5.88 -3.47 -11.67
N HIS A 333 6.77 -4.31 -11.15
CA HIS A 333 7.22 -5.52 -11.83
C HIS A 333 7.42 -6.63 -10.82
N GLY A 334 7.07 -7.84 -11.22
CA GLY A 334 7.47 -9.04 -10.50
C GLY A 334 8.27 -9.93 -11.42
N VAL A 335 9.35 -10.52 -10.90
CA VAL A 335 10.20 -11.43 -11.65
C VAL A 335 9.83 -12.85 -11.29
N VAL A 336 9.47 -13.64 -12.29
CA VAL A 336 9.07 -15.04 -12.13
C VAL A 336 10.09 -15.93 -12.81
N GLU A 337 10.72 -16.82 -12.05
CA GLU A 337 11.55 -17.87 -12.64
C GLU A 337 10.70 -18.75 -13.54
N ASP A 338 11.23 -19.01 -14.74
CA ASP A 338 10.53 -19.80 -15.76
C ASP A 338 11.57 -20.71 -16.43
N LYS A 339 12.11 -21.65 -15.66
CA LYS A 339 13.24 -22.47 -16.10
C LYS A 339 12.90 -23.39 -17.25
N ASP A 340 11.64 -23.75 -17.43
CA ASP A 340 11.22 -24.52 -18.60
C ASP A 340 10.80 -23.63 -19.77
N GLY A 341 10.81 -22.31 -19.59
CA GLY A 341 10.41 -21.42 -20.67
C GLY A 341 9.00 -21.66 -21.17
N VAL A 342 8.04 -21.87 -20.25
CA VAL A 342 6.68 -22.21 -20.65
C VAL A 342 5.74 -21.01 -20.58
N LEU A 343 6.13 -19.91 -19.94
CA LEU A 343 5.27 -18.75 -19.84
C LEU A 343 5.41 -17.87 -21.06
N LYS A 344 4.29 -17.37 -21.55
CA LYS A 344 4.28 -16.46 -22.69
C LYS A 344 3.73 -15.12 -22.25
N VAL A 345 4.13 -14.08 -22.98
CA VAL A 345 3.57 -12.76 -22.75
C VAL A 345 2.06 -12.84 -22.82
N ASN A 346 1.41 -12.15 -21.89
CA ASN A 346 -0.04 -12.08 -21.68
C ASN A 346 -0.65 -13.30 -21.00
N ASP A 347 0.13 -14.33 -20.70
CA ASP A 347 -0.31 -15.35 -19.76
C ASP A 347 -0.65 -14.71 -18.42
N LYS A 348 -1.66 -15.25 -17.75
CA LYS A 348 -2.06 -14.79 -16.44
C LYS A 348 -1.65 -15.79 -15.38
N LEU A 349 -1.24 -15.27 -14.22
CA LEU A 349 -0.94 -16.09 -13.05
C LEU A 349 -1.74 -15.57 -11.87
N ARG A 350 -2.06 -16.47 -10.95
CA ARG A 350 -2.63 -16.12 -9.66
C ARG A 350 -1.54 -16.21 -8.60
N LEU A 351 -1.40 -15.14 -7.82
CA LEU A 351 -0.44 -15.08 -6.73
C LEU A 351 -1.17 -15.07 -5.39
N VAL A 352 -0.69 -15.86 -4.45
CA VAL A 352 -1.14 -15.73 -3.06
C VAL A 352 -0.32 -14.63 -2.43
N PRO A 353 -0.94 -13.58 -1.89
CA PRO A 353 -0.14 -12.49 -1.29
C PRO A 353 0.59 -12.97 -0.05
N GLY A 354 1.72 -12.33 0.21
CA GLY A 354 2.44 -12.60 1.45
C GLY A 354 1.62 -12.27 2.68
N HIS A 355 0.90 -11.16 2.64
CA HIS A 355 0.14 -10.67 3.78
C HIS A 355 -1.15 -10.04 3.27
N CYS A 356 -2.29 -10.61 3.65
CA CYS A 356 -3.54 -10.22 3.00
C CYS A 356 -3.95 -8.78 3.35
N ASP A 357 -3.90 -8.39 4.63
CA ASP A 357 -4.46 -7.09 5.01
C ASP A 357 -3.80 -5.94 4.26
N PRO A 358 -2.48 -5.77 4.30
CA PRO A 358 -1.89 -4.61 3.60
C PRO A 358 -2.09 -4.69 2.10
N THR A 359 -2.12 -5.90 1.53
CA THR A 359 -2.40 -6.06 0.11
C THR A 359 -3.80 -5.57 -0.23
N CYS A 360 -4.79 -5.97 0.55
CA CYS A 360 -6.14 -5.50 0.30
C CYS A 360 -6.22 -3.97 0.35
N ASN A 361 -5.44 -3.34 1.21
CA ASN A 361 -5.51 -1.90 1.41
C ASN A 361 -4.83 -1.09 0.31
N VAL A 362 -4.21 -1.73 -0.69
CA VAL A 362 -3.67 -0.95 -1.81
C VAL A 362 -4.57 -1.05 -3.04
N HIS A 363 -5.70 -1.76 -2.94
CA HIS A 363 -6.64 -1.90 -4.04
C HIS A 363 -7.99 -1.33 -3.66
N ASP A 364 -8.78 -1.00 -4.67
CA ASP A 364 -10.11 -0.46 -4.45
C ASP A 364 -11.24 -1.43 -4.72
N TRP A 365 -10.94 -2.62 -5.28
CA TRP A 365 -11.96 -3.58 -5.67
C TRP A 365 -11.51 -5.01 -5.42
N TYR A 366 -12.49 -5.87 -5.15
CA TYR A 366 -12.37 -7.31 -5.23
C TYR A 366 -13.18 -7.82 -6.41
N VAL A 367 -12.58 -8.64 -7.26
CA VAL A 367 -13.26 -9.27 -8.37
C VAL A 367 -13.66 -10.67 -7.91
N GLY A 368 -14.94 -10.85 -7.57
CA GLY A 368 -15.43 -12.14 -7.12
C GLY A 368 -15.73 -13.04 -8.30
N VAL A 369 -15.00 -14.14 -8.42
CA VAL A 369 -15.11 -15.02 -9.58
C VAL A 369 -15.73 -16.36 -9.16
N ARG A 370 -16.58 -16.89 -10.03
CA ARG A 370 -17.17 -18.21 -9.83
C ARG A 370 -17.45 -18.81 -11.19
N ASN A 371 -17.09 -20.08 -11.36
CA ASN A 371 -17.33 -20.82 -12.59
C ASN A 371 -16.83 -20.05 -13.81
N GLY A 372 -15.66 -19.43 -13.66
CA GLY A 372 -15.00 -18.75 -14.75
C GLY A 372 -15.55 -17.37 -15.09
N LYS A 373 -16.50 -16.85 -14.31
CA LYS A 373 -17.11 -15.58 -14.60
C LYS A 373 -16.96 -14.65 -13.40
N VAL A 374 -17.00 -13.34 -13.70
CA VAL A 374 -17.06 -12.31 -12.66
C VAL A 374 -18.51 -12.24 -12.18
N GLU A 375 -18.75 -12.68 -10.95
CA GLU A 375 -20.08 -12.62 -10.35
C GLU A 375 -20.29 -11.31 -9.60
N THR A 376 -19.28 -10.83 -8.90
CA THR A 376 -19.36 -9.59 -8.13
C THR A 376 -18.11 -8.77 -8.35
N VAL A 377 -18.25 -7.46 -8.17
CA VAL A 377 -17.12 -6.56 -8.06
C VAL A 377 -17.42 -5.67 -6.86
N TRP A 378 -16.73 -5.93 -5.75
CA TRP A 378 -17.04 -5.34 -4.45
C TRP A 378 -16.02 -4.25 -4.13
N PRO A 379 -16.44 -3.08 -3.67
CA PRO A 379 -15.45 -2.05 -3.33
C PRO A 379 -14.78 -2.36 -2.01
N VAL A 380 -13.50 -1.98 -1.94
CA VAL A 380 -12.79 -2.00 -0.67
C VAL A 380 -13.25 -0.76 0.08
N SER A 381 -14.37 -0.91 0.79
CA SER A 381 -15.12 0.21 1.35
C SER A 381 -14.26 1.14 2.18
N ALA A 382 -13.31 0.58 2.94
CA ALA A 382 -12.54 1.38 3.89
C ALA A 382 -11.07 1.47 3.51
N ARG A 383 -10.74 1.30 2.23
CA ARG A 383 -9.35 1.44 1.79
C ARG A 383 -8.81 2.82 2.18
N GLY A 384 -7.62 2.83 2.76
CA GLY A 384 -6.96 4.07 3.13
C GLY A 384 -7.57 4.81 4.30
N LYS A 385 -8.60 4.26 4.96
CA LYS A 385 -9.25 4.97 6.06
C LYS A 385 -8.54 4.60 7.36
N GLY A 386 -7.43 5.31 7.59
CA GLY A 386 -6.64 5.16 8.79
C GLY A 386 -6.88 6.17 9.87
N TYR A 387 -7.72 7.18 9.61
CA TYR A 387 -7.99 8.23 10.59
C TYR A 387 -8.73 7.64 11.78
N THR B 5 -10.29 24.85 -6.89
CA THR B 5 -10.10 23.72 -5.96
C THR B 5 -11.35 23.56 -5.10
N ASP B 6 -12.31 22.75 -5.55
CA ASP B 6 -13.57 22.54 -4.83
C ASP B 6 -13.51 21.16 -4.13
N PHE B 7 -13.58 21.14 -2.81
CA PHE B 7 -13.53 19.91 -2.02
C PHE B 7 -14.94 19.54 -1.55
N SER B 8 -15.96 19.98 -2.28
CA SER B 8 -17.29 19.63 -1.83
C SER B 8 -17.46 18.11 -1.83
N GLY B 9 -18.23 17.63 -0.86
CA GLY B 9 -18.48 16.22 -0.71
C GLY B 9 -17.51 15.48 0.17
N TYR B 10 -16.32 16.05 0.42
CA TYR B 10 -15.33 15.38 1.25
C TYR B 10 -15.53 15.74 2.72
N GLU B 11 -15.02 14.87 3.59
CA GLU B 11 -15.18 14.99 5.03
C GLU B 11 -13.83 14.76 5.70
N VAL B 12 -13.32 15.80 6.36
CA VAL B 12 -12.01 15.72 7.01
C VAL B 12 -12.06 14.67 8.11
N GLY B 13 -11.04 13.82 8.12
CA GLY B 13 -10.99 12.71 9.07
C GLY B 13 -11.76 11.49 8.63
N TYR B 14 -12.39 11.52 7.45
CA TYR B 14 -13.05 10.34 6.89
C TYR B 14 -12.47 9.97 5.54
N ASP B 15 -12.47 10.89 4.56
CA ASP B 15 -11.94 10.58 3.24
C ASP B 15 -10.98 11.65 2.73
N ILE B 16 -10.57 12.58 3.60
CA ILE B 16 -9.56 13.58 3.25
C ILE B 16 -8.91 14.01 4.56
N PRO B 17 -7.60 14.31 4.58
CA PRO B 17 -6.96 14.58 5.87
C PRO B 17 -7.06 16.03 6.32
N ALA B 18 -7.36 16.95 5.40
CA ALA B 18 -7.31 18.38 5.72
C ALA B 18 -7.89 19.16 4.55
N LEU B 19 -8.02 20.46 4.75
CA LEU B 19 -8.47 21.40 3.73
C LEU B 19 -7.60 22.64 3.77
N PRO B 20 -7.41 23.30 2.63
CA PRO B 20 -6.63 24.55 2.62
C PRO B 20 -7.14 25.50 3.68
N GLY B 21 -6.21 26.17 4.36
CA GLY B 21 -6.54 27.13 5.40
C GLY B 21 -6.42 26.59 6.80
N MET B 22 -6.49 25.29 7.00
CA MET B 22 -6.35 24.73 8.32
C MET B 22 -4.95 24.96 8.86
N ASP B 23 -4.84 25.01 10.18
CA ASP B 23 -3.54 24.97 10.83
C ASP B 23 -3.02 23.54 10.78
N GLU B 24 -1.69 23.41 10.71
CA GLU B 24 -1.11 22.08 10.61
C GLU B 24 -1.47 21.21 11.81
N SER B 25 -1.75 21.85 12.96
CA SER B 25 -2.14 21.08 14.15
C SER B 25 -3.51 20.44 14.00
N GLU B 26 -4.32 20.90 13.05
CA GLU B 26 -5.64 20.34 12.81
C GLU B 26 -5.64 19.19 11.81
N ILE B 27 -4.52 18.90 11.17
CA ILE B 27 -4.49 17.86 10.15
C ILE B 27 -4.81 16.51 10.79
N GLN B 28 -5.65 15.73 10.12
CA GLN B 28 -6.00 14.40 10.61
C GLN B 28 -4.94 13.38 10.23
N THR B 29 -4.53 12.57 11.20
CA THR B 29 -3.48 11.59 11.05
C THR B 29 -4.05 10.18 11.00
N PRO B 30 -3.33 9.23 10.39
CA PRO B 30 -2.05 9.39 9.70
C PRO B 30 -2.28 9.88 8.28
N CYS B 31 -1.38 10.70 7.76
CA CYS B 31 -1.52 11.20 6.40
C CYS B 31 -0.15 11.61 5.89
N LEU B 32 -0.13 12.07 4.64
CA LEU B 32 1.10 12.56 4.01
C LEU B 32 1.08 14.08 3.96
N ILE B 33 2.15 14.69 4.43
CA ILE B 33 2.34 16.13 4.29
C ILE B 33 3.53 16.37 3.38
N LEU B 34 3.46 17.46 2.63
CA LEU B 34 4.59 17.95 1.85
C LEU B 34 5.00 19.31 2.41
N ASP B 35 6.27 19.42 2.77
CA ASP B 35 6.90 20.71 3.06
C ASP B 35 7.09 21.41 1.72
N LEU B 36 6.19 22.35 1.41
CA LEU B 36 6.18 22.97 0.09
C LEU B 36 7.46 23.74 -0.18
N ASP B 37 8.02 24.41 0.83
CA ASP B 37 9.29 25.10 0.64
C ASP B 37 10.38 24.13 0.19
N ALA B 38 10.50 23.01 0.89
CA ALA B 38 11.56 22.06 0.58
C ALA B 38 11.31 21.36 -0.75
N LEU B 39 10.04 21.03 -1.03
CA LEU B 39 9.69 20.46 -2.32
C LEU B 39 10.11 21.38 -3.45
N GLU B 40 9.83 22.68 -3.31
CA GLU B 40 10.14 23.63 -4.36
C GLU B 40 11.65 23.81 -4.51
N ARG B 41 12.38 23.81 -3.40
CA ARG B 41 13.84 23.89 -3.48
C ARG B 41 14.41 22.65 -4.16
N ASN B 42 13.90 21.46 -3.81
CA ASN B 42 14.36 20.25 -4.49
C ASN B 42 14.10 20.34 -5.98
N ILE B 43 12.89 20.78 -6.36
CA ILE B 43 12.51 20.80 -7.77
C ILE B 43 13.37 21.79 -8.55
N ARG B 44 13.57 22.99 -7.98
CA ARG B 44 14.45 23.98 -8.59
C ARG B 44 15.86 23.46 -8.75
N LYS B 45 16.38 22.76 -7.74
CA LYS B 45 17.77 22.31 -7.76
C LYS B 45 18.00 21.26 -8.84
N MET B 46 17.09 20.30 -8.99
CA MET B 46 17.25 19.32 -10.05
C MET B 46 17.12 19.97 -11.43
N GLY B 47 16.15 20.86 -11.60
CA GLY B 47 16.01 21.55 -12.86
C GLY B 47 17.25 22.34 -13.23
N ASP B 48 17.83 23.04 -12.25
CA ASP B 48 19.06 23.78 -12.49
C ASP B 48 20.20 22.84 -12.84
N TYR B 49 20.30 21.70 -12.15
CA TYR B 49 21.37 20.76 -12.44
C TYR B 49 21.25 20.22 -13.86
N ALA B 50 20.03 19.86 -14.28
CA ALA B 50 19.84 19.35 -15.62
C ALA B 50 20.20 20.41 -16.66
N LYS B 51 19.73 21.64 -16.46
CA LYS B 51 20.03 22.70 -17.40
C LYS B 51 21.53 22.96 -17.49
N ALA B 52 22.22 23.01 -16.35
CA ALA B 52 23.65 23.27 -16.37
C ALA B 52 24.44 22.19 -17.08
N HIS B 53 23.86 21.00 -17.22
CA HIS B 53 24.51 19.88 -17.91
C HIS B 53 23.91 19.61 -19.29
N GLY B 54 23.08 20.52 -19.79
CA GLY B 54 22.47 20.33 -21.10
C GLY B 54 21.60 19.11 -21.20
N MET B 55 20.98 18.72 -20.10
CA MET B 55 20.18 17.51 -20.02
C MET B 55 18.69 17.88 -19.97
N ARG B 56 17.88 17.17 -20.76
CA ARG B 56 16.46 17.16 -20.51
C ARG B 56 16.18 16.38 -19.24
N HIS B 57 15.16 16.81 -18.51
CA HIS B 57 14.66 16.06 -17.36
C HIS B 57 13.19 15.76 -17.58
N ARG B 58 12.86 14.49 -17.65
CA ARG B 58 11.49 14.02 -17.68
C ARG B 58 11.19 13.50 -16.28
N SER B 59 10.47 14.28 -15.50
CA SER B 59 10.24 13.91 -14.10
C SER B 59 9.41 12.64 -14.03
N HIS B 60 9.71 11.78 -13.06
CA HIS B 60 9.02 10.49 -13.01
C HIS B 60 7.77 10.60 -12.16
N GLY B 61 6.63 10.45 -12.82
CA GLY B 61 5.34 10.48 -12.14
C GLY B 61 4.98 9.20 -11.41
N LYS B 62 5.73 8.15 -11.59
CA LYS B 62 5.39 6.93 -10.84
C LYS B 62 5.64 7.16 -9.34
N MET B 63 6.54 8.08 -9.03
CA MET B 63 6.89 8.30 -7.63
C MET B 63 5.74 8.93 -6.87
N HIS B 64 5.25 10.08 -7.34
CA HIS B 64 4.24 10.84 -6.62
C HIS B 64 2.84 10.66 -7.18
N LYS B 65 2.70 10.19 -8.42
CA LYS B 65 1.39 9.90 -9.00
C LYS B 65 0.46 11.12 -8.97
N SER B 66 1.02 12.32 -9.04
CA SER B 66 0.27 13.57 -8.82
C SER B 66 0.40 14.49 -10.02
N VAL B 67 -0.73 14.84 -10.64
CA VAL B 67 -0.75 15.85 -11.70
C VAL B 67 -0.21 17.18 -11.18
N ASP B 68 -0.61 17.56 -9.97
CA ASP B 68 -0.18 18.86 -9.44
C ASP B 68 1.33 18.91 -9.22
N VAL B 69 1.93 17.84 -8.70
CA VAL B 69 3.38 17.86 -8.51
C VAL B 69 4.08 17.88 -9.86
N GLN B 70 3.57 17.11 -10.83
CA GLN B 70 4.17 17.13 -12.17
C GLN B 70 4.10 18.53 -12.76
N LYS B 71 2.98 19.23 -12.58
CA LYS B 71 2.88 20.59 -13.12
C LYS B 71 3.89 21.52 -12.49
N LEU B 72 4.19 21.32 -11.20
CA LEU B 72 5.19 22.12 -10.51
C LEU B 72 6.59 21.76 -11.01
N GLN B 73 6.84 20.48 -11.27
CA GLN B 73 8.11 20.09 -11.86
C GLN B 73 8.30 20.71 -13.24
N GLU B 74 7.22 20.85 -14.01
CA GLU B 74 7.34 21.48 -15.32
C GLU B 74 7.53 22.99 -15.19
N SER B 75 6.76 23.65 -14.32
CA SER B 75 6.81 25.10 -14.25
C SER B 75 8.06 25.60 -13.52
N LEU B 76 8.46 24.92 -12.46
CA LEU B 76 9.57 25.35 -11.63
C LEU B 76 10.86 24.62 -11.94
N GLY B 77 10.80 23.36 -12.36
CA GLY B 77 11.98 22.58 -12.67
C GLY B 77 12.30 22.43 -14.14
N GLY B 78 11.49 23.02 -15.02
CA GLY B 78 11.74 22.87 -16.44
C GLY B 78 11.61 21.46 -16.94
N SER B 79 10.91 20.59 -16.19
CA SER B 79 10.64 19.25 -16.68
C SER B 79 9.99 19.30 -18.06
N VAL B 80 10.44 18.41 -18.95
CA VAL B 80 9.94 18.39 -20.32
C VAL B 80 8.74 17.47 -20.50
N GLY B 81 8.34 16.76 -19.45
CA GLY B 81 7.30 15.76 -19.56
C GLY B 81 7.36 14.86 -18.36
N VAL B 82 6.45 13.89 -18.36
CA VAL B 82 6.32 12.93 -17.26
C VAL B 82 6.69 11.54 -17.76
N CYS B 83 7.25 10.74 -16.85
CA CYS B 83 7.41 9.31 -17.04
C CYS B 83 6.35 8.57 -16.24
N CYS B 84 5.86 7.47 -16.79
CA CYS B 84 4.83 6.64 -16.15
C CYS B 84 5.18 5.18 -16.37
N GLN B 85 4.87 4.34 -15.39
CA GLN B 85 5.18 2.92 -15.49
C GLN B 85 4.04 2.09 -16.08
N LYS B 86 2.83 2.61 -16.11
CA LYS B 86 1.65 1.84 -16.50
C LYS B 86 0.73 2.73 -17.31
N VAL B 87 -0.05 2.10 -18.21
CA VAL B 87 -0.86 2.90 -19.13
C VAL B 87 -1.97 3.64 -18.39
N SER B 88 -2.60 3.00 -17.40
CA SER B 88 -3.67 3.69 -16.67
C SER B 88 -3.11 4.90 -15.93
N GLU B 89 -1.90 4.77 -15.39
CA GLU B 89 -1.23 5.89 -14.75
C GLU B 89 -0.95 7.00 -15.76
N ALA B 90 -0.41 6.64 -16.92
CA ALA B 90 -0.21 7.60 -18.00
C ALA B 90 -1.50 8.33 -18.32
N GLU B 91 -2.61 7.62 -18.41
CA GLU B 91 -3.86 8.25 -18.80
C GLU B 91 -4.34 9.24 -17.73
N ALA B 92 -4.13 8.91 -16.45
CA ALA B 92 -4.46 9.87 -15.39
C ALA B 92 -3.70 11.17 -15.58
N PHE B 93 -2.41 11.09 -15.92
CA PHE B 93 -1.65 12.32 -16.13
C PHE B 93 -2.15 13.06 -17.37
N ALA B 94 -2.43 12.31 -18.45
CA ALA B 94 -2.88 12.95 -19.69
C ALA B 94 -4.24 13.61 -19.51
N ARG B 95 -5.14 12.98 -18.75
CA ARG B 95 -6.43 13.61 -18.48
C ARG B 95 -6.28 14.86 -17.64
N GLY B 96 -5.23 14.93 -16.84
CA GLY B 96 -4.97 16.11 -16.05
C GLY B 96 -4.25 17.22 -16.76
N GLY B 97 -3.97 17.05 -18.05
CA GLY B 97 -3.41 18.11 -18.88
C GLY B 97 -1.93 17.99 -19.17
N ILE B 98 -1.26 16.94 -18.74
CA ILE B 98 0.16 16.79 -19.03
C ILE B 98 0.34 16.46 -20.51
N LYS B 99 1.24 17.18 -21.17
CA LYS B 99 1.30 17.20 -22.62
C LYS B 99 2.31 16.24 -23.23
N ASP B 100 3.27 15.74 -22.46
CA ASP B 100 4.27 14.82 -22.99
C ASP B 100 4.44 13.69 -22.00
N VAL B 101 4.09 12.48 -22.42
CA VAL B 101 4.05 11.31 -21.56
C VAL B 101 4.94 10.24 -22.15
N LEU B 102 5.90 9.76 -21.37
CA LEU B 102 6.70 8.60 -21.70
C LEU B 102 6.32 7.47 -20.77
N VAL B 103 5.87 6.36 -21.34
CA VAL B 103 5.65 5.14 -20.58
C VAL B 103 6.98 4.40 -20.54
N THR B 104 7.66 4.44 -19.40
CA THR B 104 8.98 3.86 -19.25
C THR B 104 8.90 2.37 -18.97
N ASN B 105 8.08 1.67 -19.75
CA ASN B 105 7.73 0.28 -19.50
C ASN B 105 7.11 -0.25 -20.79
N GLU B 106 7.01 -1.58 -20.87
CA GLU B 106 6.41 -2.23 -22.02
C GLU B 106 4.92 -2.45 -21.78
N VAL B 107 4.14 -2.39 -22.86
CA VAL B 107 2.69 -2.60 -22.83
C VAL B 107 2.37 -3.68 -23.84
N ARG B 108 1.83 -4.82 -23.36
CA ARG B 108 1.65 -6.00 -24.20
C ARG B 108 0.22 -6.51 -24.29
N GLU B 109 -0.60 -6.28 -23.28
CA GLU B 109 -1.94 -6.85 -23.29
C GLU B 109 -2.84 -6.06 -24.25
N PRO B 110 -3.68 -6.74 -25.05
CA PRO B 110 -4.36 -6.02 -26.14
C PRO B 110 -5.21 -4.84 -25.69
N ALA B 111 -5.96 -4.98 -24.60
CA ALA B 111 -6.76 -3.85 -24.13
C ALA B 111 -5.88 -2.70 -23.63
N LYS B 112 -4.74 -3.03 -23.03
CA LYS B 112 -3.79 -2.00 -22.61
C LYS B 112 -3.18 -1.29 -23.82
N ILE B 113 -2.82 -2.04 -24.85
CA ILE B 113 -2.26 -1.44 -26.07
C ILE B 113 -3.28 -0.53 -26.71
N ASP B 114 -4.54 -0.97 -26.75
CA ASP B 114 -5.59 -0.15 -27.34
C ASP B 114 -5.73 1.17 -26.59
N ARG B 115 -5.75 1.10 -25.25
CA ARG B 115 -5.83 2.31 -24.43
C ARG B 115 -4.62 3.20 -24.67
N LEU B 116 -3.43 2.61 -24.75
CA LEU B 116 -2.23 3.37 -25.04
C LEU B 116 -2.34 4.08 -26.38
N ALA B 117 -2.80 3.36 -27.41
CA ALA B 117 -2.88 3.92 -28.75
C ALA B 117 -3.90 5.05 -28.84
N ARG B 118 -4.91 5.05 -27.97
CA ARG B 118 -5.88 6.16 -27.94
C ARG B 118 -5.35 7.38 -27.23
N LEU B 119 -4.39 7.22 -26.32
CA LEU B 119 -4.00 8.31 -25.45
C LEU B 119 -3.64 9.59 -26.19
N PRO B 120 -2.97 9.56 -27.33
CA PRO B 120 -2.62 10.83 -28.01
C PRO B 120 -3.83 11.67 -28.37
N LYS B 121 -5.02 11.07 -28.44
CA LYS B 121 -6.22 11.87 -28.72
C LYS B 121 -6.49 12.90 -27.64
N THR B 122 -5.91 12.74 -26.45
CA THR B 122 -6.01 13.76 -25.42
C THR B 122 -5.24 15.03 -25.76
N GLY B 123 -4.44 15.01 -26.82
CA GLY B 123 -3.49 16.08 -27.09
C GLY B 123 -2.10 15.83 -26.54
N ALA B 124 -1.90 14.79 -25.73
CA ALA B 124 -0.59 14.47 -25.24
C ALA B 124 0.22 13.74 -26.30
N THR B 125 1.52 14.01 -26.31
CA THR B 125 2.47 13.21 -27.08
C THR B 125 2.83 11.99 -26.24
N VAL B 126 2.84 10.81 -26.86
CA VAL B 126 3.02 9.56 -26.14
C VAL B 126 4.15 8.76 -26.75
N THR B 127 5.08 8.32 -25.89
CA THR B 127 6.15 7.40 -26.23
C THR B 127 6.07 6.19 -25.29
N VAL B 128 6.43 5.02 -25.81
CA VAL B 128 6.41 3.78 -25.03
C VAL B 128 7.67 2.98 -25.31
N CYS B 129 8.08 2.17 -24.33
CA CYS B 129 9.27 1.33 -24.47
C CYS B 129 8.91 -0.07 -24.99
N VAL B 130 9.87 -0.67 -25.69
CA VAL B 130 9.69 -1.96 -26.32
C VAL B 130 10.95 -2.80 -26.10
N ASP B 131 10.78 -4.05 -25.66
CA ASP B 131 11.89 -4.99 -25.54
C ASP B 131 11.64 -6.28 -26.28
N ASP B 132 10.65 -6.31 -27.17
CA ASP B 132 10.28 -7.51 -27.93
C ASP B 132 9.83 -7.07 -29.29
N VAL B 133 10.54 -7.49 -30.35
CA VAL B 133 10.20 -7.00 -31.69
C VAL B 133 8.77 -7.35 -32.06
N GLN B 134 8.22 -8.44 -31.52
CA GLN B 134 6.84 -8.81 -31.84
C GLN B 134 5.84 -7.78 -31.35
N ASN B 135 6.22 -6.99 -30.35
CA ASN B 135 5.34 -5.95 -29.82
C ASN B 135 5.10 -4.83 -30.82
N ILE B 136 6.00 -4.64 -31.78
CA ILE B 136 5.91 -3.54 -32.73
C ILE B 136 4.63 -3.66 -33.57
N ALA B 137 4.35 -4.86 -34.08
CA ALA B 137 3.18 -5.03 -34.92
C ALA B 137 1.90 -4.69 -34.18
N ASP B 138 1.81 -5.09 -32.90
CA ASP B 138 0.61 -4.81 -32.12
C ASP B 138 0.42 -3.32 -31.88
N LEU B 139 1.51 -2.62 -31.56
CA LEU B 139 1.42 -1.17 -31.33
C LEU B 139 1.07 -0.44 -32.61
N SER B 140 1.68 -0.85 -33.73
CA SER B 140 1.40 -0.20 -35.01
C SER B 140 -0.05 -0.39 -35.40
N ALA B 141 -0.57 -1.62 -35.26
CA ALA B 141 -1.96 -1.89 -35.59
C ALA B 141 -2.90 -1.04 -34.75
N ALA B 142 -2.63 -0.92 -33.45
CA ALA B 142 -3.50 -0.12 -32.58
C ALA B 142 -3.43 1.35 -32.94
N ALA B 143 -2.23 1.86 -33.24
CA ALA B 143 -2.12 3.26 -33.62
C ALA B 143 -2.84 3.52 -34.94
N GLN B 144 -2.72 2.60 -35.90
CA GLN B 144 -3.46 2.74 -37.15
C GLN B 144 -4.97 2.74 -36.90
N LYS B 145 -5.43 1.85 -36.01
CA LYS B 145 -6.85 1.78 -35.70
C LYS B 145 -7.40 3.12 -35.23
N HIS B 146 -6.65 3.82 -34.39
CA HIS B 146 -7.11 5.06 -33.80
C HIS B 146 -6.58 6.28 -34.53
N GLY B 147 -5.84 6.10 -35.62
CA GLY B 147 -5.31 7.23 -36.36
C GLY B 147 -4.36 8.08 -35.54
N THR B 148 -3.55 7.45 -34.70
CA THR B 148 -2.63 8.16 -33.82
C THR B 148 -1.20 7.81 -34.15
N GLU B 149 -0.28 8.55 -33.53
CA GLU B 149 1.15 8.29 -33.61
C GLU B 149 1.66 7.93 -32.22
N LEU B 150 2.54 6.94 -32.17
CA LEU B 150 3.24 6.57 -30.95
C LEU B 150 4.74 6.60 -31.19
N GLY B 151 5.47 7.18 -30.24
CA GLY B 151 6.92 7.09 -30.25
C GLY B 151 7.37 5.81 -29.58
N ILE B 152 8.54 5.31 -30.00
CA ILE B 152 9.08 4.05 -29.51
C ILE B 152 10.48 4.29 -28.98
N PHE B 153 10.70 3.91 -27.72
CA PHE B 153 12.04 3.68 -27.18
C PHE B 153 12.30 2.18 -27.18
N VAL B 154 13.51 1.77 -27.56
CA VAL B 154 13.96 0.42 -27.28
C VAL B 154 14.55 0.42 -25.87
N GLU B 155 14.09 -0.51 -25.03
CA GLU B 155 14.64 -0.59 -23.68
C GLU B 155 15.81 -1.55 -23.65
N ILE B 156 16.92 -1.08 -23.10
CA ILE B 156 18.10 -1.89 -22.88
C ILE B 156 18.16 -2.26 -21.41
N ASP B 157 18.33 -3.55 -21.13
CA ASP B 157 18.69 -4.00 -19.80
C ASP B 157 20.17 -3.73 -19.64
N CYS B 158 20.51 -2.61 -19.00
CA CYS B 158 21.89 -2.22 -18.77
C CYS B 158 22.37 -2.60 -17.37
N GLY B 159 21.75 -3.59 -16.75
CA GLY B 159 22.22 -4.11 -15.49
C GLY B 159 21.17 -4.31 -14.42
N ALA B 160 19.98 -3.74 -14.62
CA ALA B 160 18.93 -3.90 -13.63
C ALA B 160 18.27 -5.28 -13.67
N GLY B 161 18.40 -5.99 -14.78
CA GLY B 161 17.89 -7.34 -14.85
C GLY B 161 16.38 -7.44 -14.85
N ARG B 162 15.69 -6.41 -15.35
CA ARG B 162 14.23 -6.44 -15.36
C ARG B 162 13.75 -6.72 -16.78
N CYS B 163 13.08 -5.76 -17.40
CA CYS B 163 12.77 -5.84 -18.82
C CYS B 163 13.99 -5.41 -19.63
N GLY B 164 13.84 -5.39 -20.96
CA GLY B 164 14.88 -4.87 -21.82
C GLY B 164 15.73 -5.97 -22.45
N VAL B 165 16.36 -5.61 -23.56
CA VAL B 165 17.23 -6.51 -24.30
C VAL B 165 18.67 -6.30 -23.87
N THR B 166 19.52 -7.28 -24.19
CA THR B 166 20.87 -7.34 -23.64
C THR B 166 21.98 -7.27 -24.68
N THR B 167 21.67 -7.14 -25.98
CA THR B 167 22.67 -7.06 -27.03
C THR B 167 22.34 -5.91 -27.97
N LYS B 168 23.37 -5.41 -28.64
CA LYS B 168 23.16 -4.31 -29.58
C LYS B 168 22.41 -4.79 -30.82
N GLU B 169 22.55 -6.06 -31.19
CA GLU B 169 21.79 -6.58 -32.32
C GLU B 169 20.29 -6.56 -32.02
N ALA B 170 19.90 -6.95 -30.80
CA ALA B 170 18.50 -6.90 -30.43
C ALA B 170 17.97 -5.47 -30.46
N VAL B 171 18.79 -4.50 -30.06
CA VAL B 171 18.37 -3.10 -30.09
C VAL B 171 18.10 -2.68 -31.52
N VAL B 172 19.03 -2.98 -32.43
CA VAL B 172 18.88 -2.60 -33.83
C VAL B 172 17.66 -3.26 -34.44
N GLU B 173 17.42 -4.53 -34.13
CA GLU B 173 16.27 -5.23 -34.71
C GLU B 173 14.97 -4.53 -34.36
N ILE B 174 14.78 -4.16 -33.09
CA ILE B 174 13.55 -3.51 -32.68
C ILE B 174 13.44 -2.11 -33.29
N ALA B 175 14.56 -1.36 -33.30
CA ALA B 175 14.51 -0.03 -33.88
C ALA B 175 14.17 -0.07 -35.36
N LYS B 176 14.72 -1.05 -36.10
CA LYS B 176 14.39 -1.18 -37.52
C LYS B 176 12.92 -1.46 -37.73
N ALA B 177 12.36 -2.39 -36.93
CA ALA B 177 10.94 -2.68 -37.04
C ALA B 177 10.10 -1.45 -36.74
N ALA B 178 10.47 -0.70 -35.69
CA ALA B 178 9.73 0.51 -35.35
C ALA B 178 9.74 1.50 -36.50
N ALA B 179 10.91 1.72 -37.11
CA ALA B 179 10.99 2.71 -38.19
C ALA B 179 10.13 2.32 -39.38
N ALA B 180 10.10 1.02 -39.70
CA ALA B 180 9.33 0.53 -40.83
C ALA B 180 7.83 0.44 -40.55
N ALA B 181 7.43 0.44 -39.28
CA ALA B 181 6.03 0.21 -38.97
C ALA B 181 5.20 1.48 -39.14
N PRO B 182 4.01 1.39 -39.75
CA PRO B 182 3.17 2.59 -39.85
C PRO B 182 2.76 3.12 -38.49
N ASN B 183 2.73 4.45 -38.38
CA ASN B 183 2.21 5.19 -37.24
C ASN B 183 3.11 5.10 -36.02
N LEU B 184 4.29 4.51 -36.14
CA LEU B 184 5.29 4.50 -35.07
C LEU B 184 6.52 5.27 -35.53
N THR B 185 7.20 5.89 -34.57
CA THR B 185 8.45 6.58 -34.82
C THR B 185 9.49 6.11 -33.82
N PHE B 186 10.66 5.70 -34.30
CA PHE B 186 11.74 5.32 -33.40
C PHE B 186 12.36 6.58 -32.81
N LYS B 187 12.24 6.73 -31.49
CA LYS B 187 12.67 7.94 -30.81
C LYS B 187 13.94 7.77 -29.99
N GLY B 188 14.35 6.54 -29.69
CA GLY B 188 15.64 6.36 -29.04
C GLY B 188 15.65 5.20 -28.07
N ILE B 189 16.44 5.37 -27.01
CA ILE B 189 16.84 4.30 -26.12
C ILE B 189 16.37 4.61 -24.71
N GLN B 190 15.76 3.61 -24.07
CA GLN B 190 15.52 3.59 -22.63
C GLN B 190 16.58 2.70 -21.98
N ALA B 191 17.37 3.27 -21.07
CA ALA B 191 18.42 2.50 -20.39
C ALA B 191 18.54 2.99 -18.95
N TYR B 192 17.71 2.43 -18.08
CA TYR B 192 17.63 2.81 -16.68
C TYR B 192 18.27 1.73 -15.82
N GLN B 193 19.36 2.08 -15.14
CA GLN B 193 20.06 1.14 -14.26
C GLN B 193 19.50 1.33 -12.85
N GLY B 194 18.31 0.77 -12.63
CA GLY B 194 17.64 0.93 -11.36
C GLY B 194 18.27 0.16 -10.22
N ALA B 195 19.02 -0.91 -10.54
CA ALA B 195 19.54 -1.79 -9.51
C ALA B 195 20.67 -1.16 -8.73
N MET B 196 21.41 -0.21 -9.32
CA MET B 196 22.55 0.41 -8.66
C MET B 196 22.21 1.68 -7.89
N GLN B 197 20.94 2.12 -7.93
CA GLN B 197 20.61 3.47 -7.48
C GLN B 197 20.82 3.65 -5.98
N HIS B 198 20.69 2.57 -5.20
CA HIS B 198 20.73 2.67 -3.74
C HIS B 198 22.00 2.06 -3.15
N MET B 199 23.04 1.87 -3.94
CA MET B 199 24.32 1.46 -3.38
C MET B 199 24.88 2.61 -2.56
N ASP B 200 25.36 2.31 -1.36
CA ASP B 200 25.81 3.36 -0.45
C ASP B 200 26.96 4.17 -1.06
N SER B 201 27.91 3.50 -1.71
CA SER B 201 29.16 4.14 -2.12
C SER B 201 29.01 4.84 -3.47
N PHE B 202 29.35 6.13 -3.51
CA PHE B 202 29.37 6.88 -4.77
C PHE B 202 30.25 6.21 -5.81
N GLU B 203 31.44 5.76 -5.41
CA GLU B 203 32.33 5.11 -6.38
C GLU B 203 31.75 3.81 -6.89
N ASP B 204 31.05 3.08 -6.02
CA ASP B 204 30.37 1.86 -6.47
C ASP B 204 29.33 2.19 -7.52
N ARG B 205 28.51 3.21 -7.25
CA ARG B 205 27.49 3.62 -8.21
C ARG B 205 28.13 4.08 -9.52
N LYS B 206 29.23 4.84 -9.43
CA LYS B 206 29.94 5.28 -10.64
C LYS B 206 30.37 4.09 -11.49
N ALA B 207 30.91 3.06 -10.86
CA ALA B 207 31.40 1.90 -11.62
C ALA B 207 30.24 1.19 -12.33
N LYS B 208 29.09 1.08 -11.66
CA LYS B 208 27.94 0.45 -12.29
C LYS B 208 27.45 1.27 -13.48
N LEU B 209 27.39 2.59 -13.34
CA LEU B 209 26.92 3.40 -14.45
C LEU B 209 27.96 3.49 -15.57
N ASP B 210 29.25 3.45 -15.24
CA ASP B 210 30.27 3.33 -16.27
C ASP B 210 29.98 2.13 -17.19
N ALA B 211 29.66 0.99 -16.58
CA ALA B 211 29.38 -0.21 -17.38
C ALA B 211 28.13 -0.02 -18.23
N ALA B 212 27.08 0.57 -17.66
CA ALA B 212 25.87 0.83 -18.42
C ALA B 212 26.15 1.78 -19.58
N ILE B 213 26.92 2.84 -19.33
CA ILE B 213 27.24 3.81 -20.37
C ILE B 213 27.96 3.13 -21.52
N ALA B 214 28.89 2.22 -21.21
CA ALA B 214 29.64 1.54 -22.26
C ALA B 214 28.72 0.68 -23.11
N GLN B 215 27.78 -0.03 -22.47
CA GLN B 215 26.82 -0.84 -23.22
C GLN B 215 25.91 0.04 -24.06
N VAL B 216 25.43 1.14 -23.49
CA VAL B 216 24.56 2.05 -24.23
C VAL B 216 25.30 2.66 -25.40
N LYS B 217 26.59 2.96 -25.22
CA LYS B 217 27.38 3.51 -26.31
C LYS B 217 27.50 2.53 -27.47
N GLU B 218 27.73 1.24 -27.17
CA GLU B 218 27.77 0.24 -28.23
C GLU B 218 26.46 0.23 -29.01
N ALA B 219 25.33 0.36 -28.31
CA ALA B 219 24.03 0.36 -28.97
C ALA B 219 23.83 1.61 -29.81
N VAL B 220 24.21 2.78 -29.28
CA VAL B 220 24.12 4.01 -30.06
C VAL B 220 24.94 3.89 -31.34
N ASP B 221 26.16 3.37 -31.23
CA ASP B 221 27.01 3.22 -32.40
C ASP B 221 26.40 2.24 -33.40
N ALA B 222 25.83 1.15 -32.92
CA ALA B 222 25.19 0.20 -33.83
C ALA B 222 23.99 0.82 -34.53
N LEU B 223 23.19 1.58 -33.78
CA LEU B 223 22.05 2.27 -34.40
C LEU B 223 22.51 3.30 -35.41
N GLU B 224 23.53 4.08 -35.06
CA GLU B 224 24.02 5.10 -36.00
C GLU B 224 24.51 4.46 -37.28
N ALA B 225 25.19 3.32 -37.17
CA ALA B 225 25.66 2.60 -38.34
C ALA B 225 24.53 2.13 -39.24
N GLU B 226 23.31 2.05 -38.72
CA GLU B 226 22.14 1.63 -39.47
C GLU B 226 21.28 2.79 -39.93
N GLY B 227 21.75 4.03 -39.75
CA GLY B 227 20.93 5.18 -40.07
C GLY B 227 19.79 5.41 -39.11
N LEU B 228 19.88 4.89 -37.89
CA LEU B 228 18.82 5.03 -36.91
C LEU B 228 19.33 5.68 -35.63
N ALA B 229 20.07 6.77 -35.78
CA ALA B 229 20.63 7.45 -34.62
C ALA B 229 19.52 7.80 -33.63
N PRO B 230 19.65 7.43 -32.36
CA PRO B 230 18.57 7.68 -31.40
C PRO B 230 18.48 9.16 -31.05
N GLU B 231 17.30 9.74 -31.27
CA GLU B 231 17.09 11.14 -30.89
C GLU B 231 17.31 11.33 -29.39
N PHE B 232 16.81 10.40 -28.58
CA PHE B 232 16.91 10.48 -27.14
C PHE B 232 17.57 9.21 -26.59
N VAL B 233 18.40 9.41 -25.58
CA VAL B 233 19.01 8.36 -24.80
C VAL B 233 18.70 8.70 -23.36
N SER B 234 17.77 7.98 -22.76
CA SER B 234 17.04 8.43 -21.59
C SER B 234 17.21 7.41 -20.47
N GLY B 235 17.47 7.92 -19.27
CA GLY B 235 17.60 7.06 -18.11
C GLY B 235 17.93 7.92 -16.91
N GLY B 236 18.57 7.30 -15.92
CA GLY B 236 19.05 8.06 -14.79
C GLY B 236 18.05 8.23 -13.68
N GLY B 237 18.53 8.06 -12.44
CA GLY B 237 17.70 8.20 -11.26
C GLY B 237 18.39 9.07 -10.23
N THR B 238 17.75 9.16 -9.06
CA THR B 238 18.22 10.05 -8.02
C THR B 238 19.58 9.64 -7.48
N GLY B 239 19.95 8.36 -7.59
CA GLY B 239 21.25 7.87 -7.20
C GLY B 239 22.30 7.85 -8.29
N SER B 240 21.99 8.28 -9.50
CA SER B 240 22.93 8.12 -10.61
C SER B 240 23.06 9.33 -11.52
N TYR B 241 22.17 10.32 -11.42
CA TYR B 241 21.95 11.28 -12.50
C TYR B 241 23.23 12.03 -12.88
N TYR B 242 24.15 12.21 -11.94
CA TYR B 242 25.43 12.86 -12.26
C TYR B 242 26.20 12.09 -13.32
N PHE B 243 26.08 10.76 -13.33
CA PHE B 243 26.84 9.95 -14.27
C PHE B 243 26.24 10.02 -15.67
N GLU B 244 24.92 9.87 -15.79
CA GLU B 244 24.28 10.08 -17.09
C GLU B 244 24.55 11.50 -17.60
N SER B 245 24.58 12.48 -16.69
CA SER B 245 24.73 13.87 -17.10
C SER B 245 26.14 14.17 -17.60
N ASN B 246 27.16 13.49 -17.08
N ASN B 246 27.15 13.48 -17.06
CA ASN B 246 28.53 13.69 -17.51
CA ASN B 246 28.54 13.65 -17.46
C ASN B 246 28.91 12.81 -18.69
C ASN B 246 28.95 12.73 -18.61
N SER B 247 28.04 11.88 -19.09
CA SER B 247 28.44 10.84 -20.04
C SER B 247 28.64 11.35 -21.46
N GLY B 248 27.91 12.39 -21.88
CA GLY B 248 27.89 12.72 -23.29
C GLY B 248 27.20 11.70 -24.17
N ILE B 249 26.54 10.73 -23.56
CA ILE B 249 25.79 9.69 -24.28
C ILE B 249 24.29 9.82 -24.00
N TYR B 250 23.91 9.82 -22.73
CA TYR B 250 22.55 10.16 -22.33
C TYR B 250 22.29 11.65 -22.56
N ASN B 251 21.08 11.97 -22.99
CA ASN B 251 20.67 13.37 -23.05
C ASN B 251 19.35 13.64 -22.34
N GLU B 252 18.80 12.66 -21.61
CA GLU B 252 17.58 12.86 -20.84
C GLU B 252 17.67 12.11 -19.52
N LEU B 253 17.28 12.77 -18.45
CA LEU B 253 17.21 12.20 -17.11
C LEU B 253 15.76 11.87 -16.75
N GLN B 254 15.59 10.88 -15.85
CA GLN B 254 14.26 10.39 -15.47
C GLN B 254 14.06 10.42 -13.95
N CYS B 255 14.78 11.30 -13.25
CA CYS B 255 14.76 11.26 -11.79
C CYS B 255 13.35 11.49 -11.24
N GLY B 256 13.02 10.75 -10.18
CA GLY B 256 11.75 10.87 -9.50
C GLY B 256 11.82 11.17 -8.01
N SER B 257 12.60 10.38 -7.25
CA SER B 257 12.53 10.44 -5.79
C SER B 257 13.12 11.71 -5.20
N TYR B 258 14.06 12.36 -5.89
CA TYR B 258 14.73 13.55 -5.38
C TYR B 258 13.74 14.60 -4.85
N ALA B 259 12.55 14.68 -5.43
CA ALA B 259 11.61 15.75 -5.08
C ALA B 259 11.10 15.60 -3.65
N PHE B 260 10.84 14.37 -3.22
CA PHE B 260 10.24 14.05 -1.93
C PHE B 260 11.25 13.51 -0.93
N MET B 261 12.10 12.59 -1.39
CA MET B 261 13.07 11.83 -0.61
C MET B 261 12.43 10.84 0.36
N ASP B 262 13.26 9.96 0.91
CA ASP B 262 12.84 8.91 1.83
C ASP B 262 14.10 8.41 2.54
N ALA B 263 13.92 7.44 3.44
CA ALA B 263 15.05 6.99 4.25
C ALA B 263 16.02 6.14 3.45
N ASP B 264 15.51 5.33 2.53
CA ASP B 264 16.39 4.39 1.83
C ASP B 264 17.30 5.12 0.86
N TYR B 265 16.78 6.13 0.16
CA TYR B 265 17.65 6.98 -0.65
C TYR B 265 18.50 7.90 0.24
N GLY B 266 17.90 8.42 1.31
CA GLY B 266 18.58 9.42 2.10
C GLY B 266 19.90 8.94 2.67
N ARG B 267 20.00 7.65 2.96
CA ARG B 267 21.19 7.09 3.60
C ARG B 267 22.36 6.85 2.65
N ILE B 268 22.16 6.87 1.32
CA ILE B 268 23.29 6.62 0.44
C ILE B 268 24.24 7.82 0.48
N HIS B 269 25.49 7.57 0.14
CA HIS B 269 26.54 8.58 0.29
C HIS B 269 26.88 9.26 -1.03
N ASP B 270 27.21 10.54 -0.92
CA ASP B 270 27.66 11.31 -2.07
C ASP B 270 29.17 11.12 -2.21
N ALA B 271 29.77 11.86 -3.15
CA ALA B 271 31.19 11.68 -3.45
C ALA B 271 32.07 12.05 -2.27
N GLU B 272 31.55 12.81 -1.30
CA GLU B 272 32.31 13.20 -0.12
C GLU B 272 32.08 12.25 1.04
N GLY B 273 31.23 11.24 0.85
CA GLY B 273 30.90 10.31 1.92
C GLY B 273 29.78 10.77 2.82
N LYS B 274 29.05 11.81 2.44
CA LYS B 274 27.97 12.35 3.26
C LYS B 274 26.64 11.81 2.76
N ARG B 275 25.73 11.54 3.69
CA ARG B 275 24.38 11.14 3.30
C ARG B 275 23.77 12.19 2.36
N ILE B 276 23.06 11.73 1.32
CA ILE B 276 22.51 12.70 0.39
C ILE B 276 21.35 13.47 1.01
N ASP B 277 20.75 12.99 2.11
CA ASP B 277 19.74 13.80 2.80
C ASP B 277 20.36 14.76 3.80
N GLN B 278 21.69 14.87 3.83
CA GLN B 278 22.38 15.86 4.64
C GLN B 278 23.15 16.83 3.75
N GLY B 279 22.51 17.28 2.67
CA GLY B 279 23.08 18.35 1.88
C GLY B 279 22.62 18.37 0.43
N GLU B 280 22.38 17.20 -0.15
CA GLU B 280 22.08 17.13 -1.57
C GLU B 280 20.59 17.36 -1.83
N TRP B 281 19.72 16.61 -1.14
CA TRP B 281 18.27 16.74 -1.29
C TRP B 281 17.63 16.83 0.09
N GLU B 282 16.56 17.61 0.18
CA GLU B 282 15.85 17.79 1.44
C GLU B 282 14.69 16.80 1.55
N ASN B 283 14.36 16.45 2.78
CA ASN B 283 13.13 15.74 3.05
C ASN B 283 11.96 16.69 2.85
N ALA B 284 11.09 16.38 1.90
CA ALA B 284 9.86 17.13 1.69
C ALA B 284 8.60 16.32 1.97
N LEU B 285 8.70 14.99 1.98
CA LEU B 285 7.57 14.12 2.23
C LEU B 285 7.66 13.57 3.64
N PHE B 286 6.57 13.71 4.40
CA PHE B 286 6.50 13.14 5.74
C PHE B 286 5.16 12.46 5.95
N ILE B 287 5.17 11.44 6.79
CA ILE B 287 3.93 10.88 7.35
C ILE B 287 3.68 11.59 8.67
N LEU B 288 2.54 12.25 8.79
CA LEU B 288 2.15 12.87 10.05
C LEU B 288 1.38 11.84 10.85
N THR B 289 1.76 11.66 12.11
CA THR B 289 1.18 10.63 12.95
C THR B 289 0.97 11.19 14.35
N SER B 290 -0.05 10.65 15.03
CA SER B 290 -0.40 11.03 16.40
C SER B 290 -0.13 9.87 17.35
N VAL B 291 0.37 10.21 18.56
CA VAL B 291 0.46 9.24 19.64
C VAL B 291 -0.96 8.94 20.14
N MET B 292 -1.32 7.65 20.19
CA MET B 292 -2.64 7.27 20.65
C MET B 292 -2.64 6.24 21.78
N SER B 293 -1.47 5.86 22.30
CA SER B 293 -1.39 5.03 23.49
C SER B 293 0.01 5.16 24.07
N HIS B 294 0.10 5.11 25.40
CA HIS B 294 1.39 5.24 26.06
C HIS B 294 1.32 4.63 27.46
N ALA B 295 0.70 3.47 27.57
CA ALA B 295 0.45 2.86 28.88
C ALA B 295 1.73 2.41 29.55
N LYS B 296 2.80 2.13 28.77
CA LYS B 296 4.09 1.81 29.38
C LYS B 296 4.98 3.04 29.43
N PRO B 297 5.89 3.13 30.41
CA PRO B 297 6.63 4.39 30.61
C PRO B 297 7.45 4.86 29.42
N HIS B 298 8.06 3.95 28.66
CA HIS B 298 9.03 4.33 27.64
C HIS B 298 8.65 3.82 26.25
N LEU B 299 7.37 3.62 26.00
CA LEU B 299 6.91 3.20 24.68
C LEU B 299 5.67 4.00 24.33
N ALA B 300 5.71 4.66 23.18
CA ALA B 300 4.57 5.38 22.63
C ALA B 300 4.08 4.63 21.41
N VAL B 301 2.77 4.49 21.28
CA VAL B 301 2.17 3.86 20.11
C VAL B 301 1.51 4.96 19.29
N VAL B 302 1.88 5.04 18.01
CA VAL B 302 1.37 6.06 17.10
C VAL B 302 0.42 5.41 16.10
N ASP B 303 -0.36 6.25 15.40
CA ASP B 303 -1.42 5.75 14.54
C ASP B 303 -0.97 5.49 13.10
N ALA B 304 0.32 5.64 12.79
CA ALA B 304 0.86 5.30 11.48
C ALA B 304 1.62 3.99 11.58
N GLY B 305 1.03 2.92 11.06
CA GLY B 305 1.67 1.63 10.95
C GLY B 305 1.93 1.26 9.50
N LEU B 306 1.84 -0.03 9.20
CA LEU B 306 2.19 -0.50 7.86
C LEU B 306 1.25 0.02 6.79
N LYS B 307 -0.05 0.10 7.08
CA LYS B 307 -0.99 0.43 6.03
C LYS B 307 -0.94 1.89 5.62
N ALA B 308 -0.29 2.75 6.40
CA ALA B 308 -0.04 4.14 6.05
C ALA B 308 1.25 4.34 5.28
N GLN B 309 2.01 3.27 5.00
CA GLN B 309 3.30 3.43 4.35
C GLN B 309 3.70 2.08 3.74
N SER B 310 5.00 1.78 3.75
CA SER B 310 5.52 0.47 3.39
C SER B 310 6.70 0.17 4.30
N VAL B 311 7.16 -1.09 4.29
CA VAL B 311 8.41 -1.41 4.97
C VAL B 311 9.31 -2.21 4.03
N ASP B 312 9.00 -2.18 2.73
CA ASP B 312 9.82 -2.93 1.77
C ASP B 312 11.27 -2.51 1.83
N SER B 313 11.53 -1.25 2.16
CA SER B 313 12.89 -0.71 2.26
C SER B 313 13.24 -0.31 3.69
N GLY B 314 12.64 -0.97 4.67
CA GLY B 314 12.93 -0.70 6.07
C GLY B 314 11.95 0.27 6.69
N LEU B 315 12.17 0.51 7.97
CA LEU B 315 11.29 1.34 8.77
C LEU B 315 11.41 2.82 8.41
N PRO B 316 10.38 3.60 8.71
CA PRO B 316 10.52 5.05 8.70
C PRO B 316 11.35 5.51 9.89
N PHE B 317 11.68 6.80 9.94
CA PHE B 317 12.28 7.35 11.14
C PHE B 317 11.63 8.68 11.51
N VAL B 318 11.71 8.99 12.80
CA VAL B 318 11.16 10.25 13.31
C VAL B 318 12.08 11.39 12.87
N TYR B 319 11.49 12.38 12.20
CA TYR B 319 12.26 13.49 11.65
C TYR B 319 12.48 14.60 12.68
N GLY B 320 13.68 15.17 12.66
CA GLY B 320 13.93 16.41 13.37
C GLY B 320 14.25 16.26 14.84
N ARG B 321 14.45 15.04 15.31
CA ARG B 321 14.79 14.80 16.71
C ARG B 321 15.38 13.40 16.78
N ASP B 322 16.17 13.18 17.83
CA ASP B 322 16.86 11.91 18.00
C ASP B 322 16.64 11.32 19.39
N ASP B 323 15.62 11.79 20.10
CA ASP B 323 15.35 11.33 21.46
C ASP B 323 14.31 10.23 21.53
N VAL B 324 13.64 9.93 20.40
CA VAL B 324 12.64 8.87 20.28
C VAL B 324 12.97 8.10 19.01
N LYS B 325 12.45 6.87 18.91
CA LYS B 325 12.80 6.03 17.77
C LYS B 325 11.65 5.12 17.37
N TYR B 326 11.23 5.21 16.11
CA TYR B 326 10.25 4.30 15.54
C TYR B 326 10.92 2.94 15.33
N ILE B 327 10.44 1.90 16.02
CA ILE B 327 11.14 0.62 16.05
C ILE B 327 10.33 -0.54 15.49
N LYS B 328 9.00 -0.43 15.40
CA LYS B 328 8.16 -1.57 15.04
C LYS B 328 6.86 -1.03 14.45
N CYS B 329 6.24 -1.83 13.58
CA CYS B 329 4.87 -1.48 13.25
C CYS B 329 4.06 -2.73 12.91
N SER B 330 2.79 -2.65 13.27
CA SER B 330 1.76 -3.53 12.79
C SER B 330 0.90 -2.72 11.83
N ASP B 331 -0.29 -3.24 11.51
CA ASP B 331 -1.02 -2.69 10.38
C ASP B 331 -1.46 -1.25 10.64
N GLU B 332 -1.91 -0.95 11.88
CA GLU B 332 -2.47 0.36 12.19
C GLU B 332 -1.79 1.00 13.39
N HIS B 333 -0.62 0.50 13.80
CA HIS B 333 0.11 0.98 14.95
C HIS B 333 1.59 1.04 14.63
N GLY B 334 2.25 2.10 15.09
CA GLY B 334 3.70 2.16 15.11
C GLY B 334 4.17 2.26 16.54
N VAL B 335 5.23 1.54 16.87
CA VAL B 335 5.80 1.58 18.22
C VAL B 335 7.03 2.46 18.18
N VAL B 336 7.02 3.49 19.04
CA VAL B 336 8.10 4.47 19.12
C VAL B 336 8.72 4.38 20.51
N GLU B 337 10.00 4.05 20.57
CA GLU B 337 10.74 4.12 21.83
C GLU B 337 10.78 5.55 22.35
N ASP B 338 10.57 5.70 23.66
CA ASP B 338 10.46 6.99 24.30
C ASP B 338 11.14 6.85 25.67
N LYS B 339 12.44 6.64 25.65
CA LYS B 339 13.17 6.28 26.89
C LYS B 339 13.11 7.36 27.96
N ASP B 340 12.88 8.60 27.58
CA ASP B 340 12.79 9.67 28.56
C ASP B 340 11.36 10.08 28.84
N GLY B 341 10.38 9.37 28.26
CA GLY B 341 8.99 9.65 28.53
C GLY B 341 8.57 11.07 28.21
N VAL B 342 8.97 11.57 27.04
CA VAL B 342 8.66 12.94 26.65
C VAL B 342 7.51 13.03 25.67
N LEU B 343 6.99 11.90 25.19
CA LEU B 343 5.85 11.90 24.28
C LEU B 343 4.56 11.66 25.06
N LYS B 344 3.53 12.42 24.71
CA LYS B 344 2.22 12.33 25.35
C LYS B 344 1.17 12.01 24.30
N VAL B 345 0.10 11.35 24.75
CA VAL B 345 -1.04 11.08 23.89
C VAL B 345 -1.45 12.36 23.17
N ASN B 346 -1.73 12.22 21.87
CA ASN B 346 -2.13 13.27 20.93
C ASN B 346 -0.98 14.15 20.46
N ASP B 347 0.24 13.96 20.95
CA ASP B 347 1.40 14.56 20.31
C ASP B 347 1.51 14.08 18.86
N LYS B 348 1.99 14.96 17.99
CA LYS B 348 2.20 14.62 16.59
C LYS B 348 3.68 14.52 16.30
N LEU B 349 4.03 13.58 15.41
CA LEU B 349 5.39 13.41 14.91
C LEU B 349 5.36 13.40 13.40
N ARG B 350 6.46 13.82 12.79
CA ARG B 350 6.68 13.64 11.36
C ARG B 350 7.64 12.48 11.13
N LEU B 351 7.26 11.56 10.25
CA LEU B 351 8.07 10.41 9.90
C LEU B 351 8.55 10.56 8.46
N VAL B 352 9.84 10.30 8.24
CA VAL B 352 10.36 10.12 6.89
C VAL B 352 10.09 8.69 6.49
N PRO B 353 9.34 8.44 5.41
CA PRO B 353 9.05 7.05 5.04
C PRO B 353 10.29 6.33 4.57
N GLY B 354 10.27 5.01 4.72
CA GLY B 354 11.36 4.20 4.21
C GLY B 354 11.52 4.34 2.71
N HIS B 355 10.41 4.32 1.97
CA HIS B 355 10.41 4.29 0.51
C HIS B 355 9.26 5.14 0.02
N CYS B 356 9.56 6.22 -0.70
CA CYS B 356 8.52 7.21 -1.00
C CYS B 356 7.46 6.66 -1.95
N ASP B 357 7.84 5.99 -3.04
CA ASP B 357 6.84 5.61 -4.04
C ASP B 357 5.73 4.75 -3.45
N PRO B 358 6.02 3.64 -2.78
CA PRO B 358 4.90 2.82 -2.27
C PRO B 358 4.11 3.53 -1.18
N THR B 359 4.76 4.39 -0.39
CA THR B 359 4.05 5.16 0.63
C THR B 359 3.03 6.10 -0.01
N CYS B 360 3.44 6.80 -1.06
CA CYS B 360 2.51 7.69 -1.75
C CYS B 360 1.32 6.92 -2.31
N ASN B 361 1.56 5.70 -2.77
CA ASN B 361 0.52 4.91 -3.43
C ASN B 361 -0.47 4.28 -2.46
N VAL B 362 -0.31 4.43 -1.15
CA VAL B 362 -1.36 3.98 -0.23
C VAL B 362 -2.22 5.13 0.28
N HIS B 363 -1.99 6.36 -0.20
CA HIS B 363 -2.78 7.52 0.19
C HIS B 363 -3.43 8.16 -1.03
N ASP B 364 -4.46 8.97 -0.75
CA ASP B 364 -5.19 9.66 -1.80
C ASP B 364 -4.92 11.15 -1.87
N TRP B 365 -4.18 11.71 -0.91
CA TRP B 365 -3.98 13.14 -0.83
C TRP B 365 -2.59 13.46 -0.29
N TYR B 366 -2.06 14.58 -0.73
CA TYR B 366 -0.92 15.25 -0.10
C TYR B 366 -1.42 16.54 0.55
N VAL B 367 -1.03 16.76 1.80
CA VAL B 367 -1.30 18.01 2.50
C VAL B 367 -0.06 18.89 2.36
N GLY B 368 -0.13 19.89 1.50
CA GLY B 368 0.97 20.80 1.30
C GLY B 368 0.97 21.89 2.33
N VAL B 369 2.00 21.91 3.18
CA VAL B 369 2.07 22.81 4.32
C VAL B 369 3.11 23.89 4.05
N ARG B 370 2.81 25.11 4.48
CA ARG B 370 3.78 26.20 4.43
C ARG B 370 3.47 27.16 5.56
N ASN B 371 4.51 27.54 6.31
CA ASN B 371 4.37 28.49 7.41
C ASN B 371 3.32 28.04 8.42
N GLY B 372 3.29 26.72 8.68
CA GLY B 372 2.39 26.16 9.66
C GLY B 372 0.94 26.05 9.24
N LYS B 373 0.64 26.31 7.97
CA LYS B 373 -0.72 26.28 7.45
C LYS B 373 -0.83 25.30 6.29
N VAL B 374 -2.03 24.76 6.10
CA VAL B 374 -2.32 23.95 4.93
C VAL B 374 -2.56 24.91 3.77
N GLU B 375 -1.66 24.89 2.80
CA GLU B 375 -1.80 25.74 1.61
C GLU B 375 -2.50 25.02 0.47
N THR B 376 -2.20 23.74 0.27
CA THR B 376 -2.79 22.94 -0.79
C THR B 376 -3.14 21.58 -0.25
N VAL B 377 -4.11 20.94 -0.89
CA VAL B 377 -4.42 19.53 -0.68
C VAL B 377 -4.55 18.92 -2.07
N TRP B 378 -3.57 18.15 -2.48
CA TRP B 378 -3.44 17.65 -3.84
C TRP B 378 -3.84 16.19 -3.90
N PRO B 379 -4.65 15.77 -4.87
CA PRO B 379 -4.96 14.33 -4.99
C PRO B 379 -3.78 13.54 -5.52
N VAL B 380 -3.66 12.31 -5.03
CA VAL B 380 -2.76 11.34 -5.64
C VAL B 380 -3.48 10.80 -6.87
N SER B 381 -3.35 11.55 -7.97
CA SER B 381 -4.17 11.39 -9.15
C SER B 381 -4.15 9.97 -9.70
N ALA B 382 -3.02 9.27 -9.59
CA ALA B 382 -2.86 7.97 -10.20
C ALA B 382 -2.70 6.86 -9.17
N ARG B 383 -3.17 7.06 -7.95
CA ARG B 383 -3.08 6.03 -6.92
C ARG B 383 -3.78 4.76 -7.40
N GLY B 384 -3.12 3.63 -7.21
CA GLY B 384 -3.71 2.35 -7.55
C GLY B 384 -3.89 2.10 -9.03
N LYS B 385 -3.42 3.00 -9.89
CA LYS B 385 -3.60 2.82 -11.34
C LYS B 385 -2.39 2.04 -11.87
N GLY B 386 -2.46 0.73 -11.67
CA GLY B 386 -1.44 -0.19 -12.13
C GLY B 386 -1.78 -0.96 -13.39
N TYR B 387 -2.97 -0.74 -13.97
CA TYR B 387 -3.32 -1.42 -15.21
C TYR B 387 -2.45 -0.87 -16.32
#